data_5SAG
#
_entry.id   5SAG
#
_cell.length_a   150.310
_cell.length_b   150.310
_cell.length_c   111.840
_cell.angle_alpha   90.000
_cell.angle_beta   90.000
_cell.angle_gamma   120.000
#
_symmetry.space_group_name_H-M   'P 63'
#
loop_
_entity.id
_entity.type
_entity.pdbx_description
1 polymer 'Uridylate-specific endoribonuclease'
2 non-polymer 3-(1H-imidazol-2-yl)propan-1-amine
3 water water
#
_entity_poly.entity_id   1
_entity_poly.type   'polypeptide(L)'
_entity_poly.pdbx_seq_one_letter_code
;GAMSLENVAFNVVNKGHFDGQQGEVPVSIINNTVYTKVDGVDVELFENKTTLPVNVAFELWAKRNIKPVPEVKILNNLGV
DIAANTVIWDYKRDAPAHISTIGVCSMTDIAKKPTETICAPLTVFFDGRVDGQVDLFRNARNGVLITEGSVKGLQPSVGP
KQASLNGVTLIGEAVKTQFNYYKKVDGVVQQLPETYFTQSRNLQEFKPRSQMEIDFLELAMDEFIERYKLEGYAFEHIVY
GDFSHSQLGGLHLLIGLAKRFKESPFELEDFIPMDSTVKNYFITDAQTGSSKCVCSVIDLLLDDFVEIIKSQDLSVVSKV
VKVTIDYTEISFMLWCKDGHVETFYPKLQ
;
_entity_poly.pdbx_strand_id   A,B
#
# COMPACT_ATOMS: atom_id res chain seq x y z
N ALA A 2 -36.25 5.30 2.29
CA ALA A 2 -37.39 5.47 1.38
C ALA A 2 -36.98 6.41 0.23
N MET A 3 -36.47 5.81 -0.84
CA MET A 3 -36.04 6.54 -2.01
C MET A 3 -37.28 7.02 -2.82
N SER A 4 -37.17 8.20 -3.41
CA SER A 4 -38.23 8.79 -4.20
C SER A 4 -37.70 9.90 -5.09
N LEU A 5 -38.37 10.15 -6.20
CA LEU A 5 -38.01 11.23 -7.11
C LEU A 5 -38.00 12.60 -6.37
N GLU A 6 -39.04 12.86 -5.58
CA GLU A 6 -39.22 14.10 -4.82
C GLU A 6 -38.15 14.30 -3.76
N ASN A 7 -37.70 13.20 -3.14
CA ASN A 7 -36.63 13.25 -2.16
C ASN A 7 -35.29 13.51 -2.85
N VAL A 8 -35.03 12.89 -4.01
CA VAL A 8 -33.81 13.14 -4.77
C VAL A 8 -33.75 14.62 -5.16
N ALA A 9 -34.86 15.17 -5.69
CA ALA A 9 -34.96 16.57 -6.07
C ALA A 9 -34.78 17.48 -4.86
N PHE A 10 -35.31 17.12 -3.68
CA PHE A 10 -35.12 17.90 -2.46
C PHE A 10 -33.61 17.99 -2.14
N ASN A 11 -32.93 16.85 -2.21
CA ASN A 11 -31.50 16.79 -1.96
C ASN A 11 -30.74 17.64 -2.95
N VAL A 12 -31.06 17.57 -4.26
CA VAL A 12 -30.38 18.38 -5.28
C VAL A 12 -30.57 19.88 -4.98
N VAL A 13 -31.82 20.32 -4.75
CA VAL A 13 -32.13 21.70 -4.44
C VAL A 13 -31.41 22.21 -3.19
N ASN A 14 -31.43 21.46 -2.08
CA ASN A 14 -30.88 21.92 -0.81
C ASN A 14 -29.43 21.57 -0.51
N LYS A 15 -28.92 20.49 -1.07
CA LYS A 15 -27.57 20.00 -0.79
C LYS A 15 -26.62 19.98 -2.01
N GLY A 16 -27.11 20.36 -3.18
CA GLY A 16 -26.33 20.40 -4.41
C GLY A 16 -26.12 19.04 -5.08
N HIS A 17 -26.60 17.97 -4.45
CA HIS A 17 -26.47 16.58 -4.86
C HIS A 17 -27.21 15.70 -3.82
N PHE A 18 -27.29 14.38 -4.06
CA PHE A 18 -27.92 13.47 -3.10
C PHE A 18 -27.04 13.35 -1.86
N ASP A 19 -27.61 13.69 -0.71
CA ASP A 19 -26.88 13.67 0.55
C ASP A 19 -27.61 12.92 1.67
N GLY A 20 -28.56 12.06 1.31
CA GLY A 20 -29.31 11.26 2.26
C GLY A 20 -30.24 12.04 3.19
N GLN A 21 -30.56 13.29 2.83
CA GLN A 21 -31.42 14.13 3.65
C GLN A 21 -32.91 13.86 3.45
N GLN A 22 -33.70 13.98 4.51
CA GLN A 22 -35.14 13.78 4.42
C GLN A 22 -35.81 15.04 3.87
N GLY A 23 -36.86 14.86 3.09
CA GLY A 23 -37.59 16.00 2.53
C GLY A 23 -38.06 15.74 1.12
N GLU A 24 -38.95 16.61 0.63
CA GLU A 24 -39.52 16.47 -0.71
C GLU A 24 -39.80 17.83 -1.30
N VAL A 25 -39.61 17.95 -2.62
CA VAL A 25 -39.98 19.15 -3.37
C VAL A 25 -40.90 18.71 -4.52
N PRO A 26 -41.86 19.57 -4.97
CA PRO A 26 -42.69 19.16 -6.11
C PRO A 26 -41.82 19.13 -7.37
N VAL A 27 -42.05 18.10 -8.17
CA VAL A 27 -41.29 17.89 -9.38
C VAL A 27 -42.21 17.71 -10.55
N SER A 28 -41.78 18.18 -11.71
CA SER A 28 -42.48 17.87 -12.93
C SER A 28 -41.49 17.33 -13.97
N ILE A 29 -41.92 16.28 -14.62
CA ILE A 29 -41.10 15.66 -15.64
C ILE A 29 -41.72 15.93 -17.00
N ILE A 30 -40.97 16.54 -17.93
CA ILE A 30 -41.50 16.78 -19.26
C ILE A 30 -40.33 16.71 -20.20
N ASN A 31 -40.45 16.30 -21.49
N ASN A 31 -40.58 15.64 -20.97
CA ASN A 31 -39.32 16.30 -22.49
CA ASN A 31 -39.86 14.94 -22.00
C ASN A 31 -37.84 16.06 -21.97
C ASN A 31 -38.71 14.28 -21.27
N ASN A 32 -37.58 14.88 -21.36
CA ASN A 32 -36.34 14.41 -20.75
C ASN A 32 -35.78 15.39 -19.75
N THR A 33 -36.62 16.24 -19.17
CA THR A 33 -36.15 17.25 -18.24
C THR A 33 -36.91 17.14 -16.92
N VAL A 34 -36.19 17.33 -15.84
CA VAL A 34 -36.76 17.35 -14.51
C VAL A 34 -36.81 18.81 -14.07
N TYR A 35 -37.98 19.26 -13.62
CA TYR A 35 -38.16 20.61 -13.11
C TYR A 35 -38.66 20.54 -11.69
N THR A 36 -38.46 21.63 -10.95
CA THR A 36 -39.05 21.80 -9.64
C THR A 36 -39.71 23.17 -9.58
N LYS A 37 -40.77 23.30 -8.80
CA LYS A 37 -41.46 24.55 -8.63
C LYS A 37 -40.74 25.40 -7.59
N VAL A 38 -40.33 26.60 -7.99
CA VAL A 38 -39.68 27.55 -7.10
C VAL A 38 -40.49 28.80 -7.16
N ASP A 39 -41.27 29.04 -6.09
CA ASP A 39 -42.13 30.22 -5.97
C ASP A 39 -43.02 30.44 -7.18
N GLY A 40 -43.78 29.40 -7.54
CA GLY A 40 -44.72 29.51 -8.63
C GLY A 40 -44.26 29.13 -10.03
N VAL A 41 -42.94 29.16 -10.32
CA VAL A 41 -42.48 28.81 -11.67
C VAL A 41 -41.58 27.57 -11.69
N ASP A 42 -41.53 26.90 -12.84
CA ASP A 42 -40.72 25.70 -13.01
C ASP A 42 -39.30 26.07 -13.29
N VAL A 43 -38.39 25.44 -12.59
CA VAL A 43 -36.98 25.64 -12.74
C VAL A 43 -36.37 24.30 -13.07
N GLU A 44 -35.57 24.26 -14.13
CA GLU A 44 -34.90 23.06 -14.57
C GLU A 44 -33.82 22.58 -13.61
N LEU A 45 -33.91 21.32 -13.20
CA LEU A 45 -32.92 20.70 -12.32
C LEU A 45 -31.98 19.78 -13.09
N PHE A 46 -32.46 19.18 -14.21
CA PHE A 46 -31.68 18.21 -14.90
C PHE A 46 -32.22 17.93 -16.28
N GLU A 47 -31.33 17.86 -17.27
CA GLU A 47 -31.72 17.49 -18.62
C GLU A 47 -31.05 16.15 -18.90
N ASN A 48 -31.85 15.13 -19.15
CA ASN A 48 -31.36 13.81 -19.44
C ASN A 48 -30.70 13.72 -20.83
N LYS A 49 -29.39 13.48 -20.86
CA LYS A 49 -28.63 13.24 -22.11
C LYS A 49 -28.25 11.73 -22.22
N THR A 50 -28.79 10.87 -21.34
CA THR A 50 -28.48 9.45 -21.29
C THR A 50 -29.54 8.63 -22.04
N THR A 51 -29.28 7.34 -22.20
CA THR A 51 -30.27 6.43 -22.79
C THR A 51 -31.16 5.75 -21.72
N LEU A 52 -31.06 6.18 -20.45
CA LEU A 52 -31.88 5.66 -19.38
C LEU A 52 -33.14 6.55 -19.27
N PRO A 53 -34.18 6.08 -18.58
CA PRO A 53 -35.34 6.95 -18.32
C PRO A 53 -34.91 8.20 -17.54
N VAL A 54 -35.49 9.35 -17.85
CA VAL A 54 -35.17 10.63 -17.24
C VAL A 54 -35.11 10.61 -15.72
N ASN A 55 -36.09 10.02 -15.04
CA ASN A 55 -36.09 10.02 -13.56
C ASN A 55 -34.99 9.14 -12.98
N VAL A 56 -34.60 8.08 -13.71
CA VAL A 56 -33.55 7.16 -13.31
C VAL A 56 -32.19 7.85 -13.49
N ALA A 57 -31.96 8.48 -14.66
CA ALA A 57 -30.71 9.19 -14.91
C ALA A 57 -30.52 10.33 -13.91
N PHE A 58 -31.60 11.04 -13.55
CA PHE A 58 -31.57 12.12 -12.58
C PHE A 58 -31.10 11.61 -11.23
N GLU A 59 -31.63 10.46 -10.81
CA GLU A 59 -31.22 9.86 -9.54
C GLU A 59 -29.73 9.45 -9.55
N LEU A 60 -29.27 8.82 -10.64
CA LEU A 60 -27.87 8.41 -10.73
C LEU A 60 -26.93 9.61 -10.75
N TRP A 61 -27.32 10.66 -11.46
CA TRP A 61 -26.52 11.88 -11.50
C TRP A 61 -26.49 12.51 -10.10
N ALA A 62 -27.63 12.59 -9.40
CA ALA A 62 -27.68 13.14 -8.04
C ALA A 62 -26.78 12.32 -7.09
N LYS A 63 -26.71 11.00 -7.29
CA LYS A 63 -25.90 10.08 -6.49
C LYS A 63 -24.48 9.87 -7.01
N ARG A 64 -24.00 10.76 -7.86
CA ARG A 64 -22.66 10.69 -8.41
C ARG A 64 -21.64 10.87 -7.30
N ASN A 65 -20.47 10.26 -7.51
CA ASN A 65 -19.37 10.32 -6.58
C ASN A 65 -18.79 11.74 -6.72
N ILE A 66 -18.75 12.47 -5.61
CA ILE A 66 -18.22 13.83 -5.57
C ILE A 66 -16.83 13.92 -4.96
N LYS A 67 -16.13 12.80 -4.83
CA LYS A 67 -14.75 12.79 -4.39
C LYS A 67 -13.92 12.64 -5.67
N PRO A 68 -12.60 12.91 -5.66
CA PRO A 68 -11.78 12.64 -6.84
C PRO A 68 -11.84 11.15 -7.12
N VAL A 69 -12.15 10.80 -8.35
CA VAL A 69 -12.23 9.41 -8.75
C VAL A 69 -11.39 9.22 -9.99
N PRO A 70 -10.99 7.97 -10.29
CA PRO A 70 -10.24 7.73 -11.53
C PRO A 70 -11.00 8.22 -12.75
N GLU A 71 -10.27 8.75 -13.74
CA GLU A 71 -10.88 9.16 -15.00
C GLU A 71 -11.46 7.91 -15.67
N VAL A 72 -12.62 8.06 -16.31
CA VAL A 72 -13.32 6.95 -16.96
C VAL A 72 -12.43 6.14 -17.91
N LYS A 73 -11.50 6.78 -18.63
CA LYS A 73 -10.58 6.05 -19.53
C LYS A 73 -9.74 5.03 -18.77
N ILE A 74 -9.31 5.34 -17.52
CA ILE A 74 -8.52 4.42 -16.68
C ILE A 74 -9.41 3.23 -16.28
N LEU A 75 -10.62 3.51 -15.80
CA LEU A 75 -11.58 2.47 -15.41
C LEU A 75 -11.90 1.57 -16.59
N ASN A 76 -12.17 2.14 -17.77
CA ASN A 76 -12.46 1.35 -18.98
C ASN A 76 -11.25 0.48 -19.34
N ASN A 77 -10.04 1.05 -19.31
CA ASN A 77 -8.81 0.33 -19.63
C ASN A 77 -8.54 -0.85 -18.71
N LEU A 78 -8.95 -0.73 -17.45
CA LEU A 78 -8.83 -1.80 -16.46
C LEU A 78 -10.02 -2.77 -16.48
N GLY A 79 -10.96 -2.61 -17.39
CA GLY A 79 -12.11 -3.49 -17.54
C GLY A 79 -13.19 -3.38 -16.48
N VAL A 80 -13.33 -2.21 -15.83
CA VAL A 80 -14.35 -2.01 -14.81
C VAL A 80 -15.75 -2.05 -15.44
N ASP A 81 -16.62 -2.90 -14.92
CA ASP A 81 -18.00 -3.05 -15.41
C ASP A 81 -19.01 -2.25 -14.59
N ILE A 82 -18.77 -2.14 -13.29
CA ILE A 82 -19.73 -1.57 -12.36
C ILE A 82 -18.99 -1.06 -11.12
N ALA A 83 -19.61 -0.16 -10.35
CA ALA A 83 -18.99 0.35 -9.13
C ALA A 83 -19.73 -0.15 -7.91
N ALA A 84 -18.98 -0.39 -6.81
CA ALA A 84 -19.59 -0.78 -5.55
C ALA A 84 -20.17 0.43 -4.82
N ASN A 85 -21.49 0.51 -4.73
CA ASN A 85 -22.24 1.47 -3.93
C ASN A 85 -21.91 2.93 -4.19
N THR A 86 -21.73 3.28 -5.47
CA THR A 86 -21.47 4.64 -5.92
C THR A 86 -21.80 4.72 -7.42
N VAL A 87 -21.82 5.95 -7.95
CA VAL A 87 -22.00 6.17 -9.37
C VAL A 87 -20.79 6.96 -9.83
N ILE A 88 -20.05 6.44 -10.82
CA ILE A 88 -18.97 7.21 -11.43
C ILE A 88 -19.66 7.91 -12.59
N TRP A 89 -19.85 9.22 -12.49
CA TRP A 89 -20.50 9.96 -13.56
C TRP A 89 -19.49 10.27 -14.63
N ASP A 90 -19.85 9.96 -15.86
CA ASP A 90 -19.01 10.22 -17.01
C ASP A 90 -19.38 11.61 -17.54
N TYR A 91 -18.59 12.63 -17.21
CA TYR A 91 -18.86 14.00 -17.63
C TYR A 91 -18.62 14.23 -19.10
N LYS A 92 -17.83 13.37 -19.77
CA LYS A 92 -17.61 13.50 -21.21
C LYS A 92 -18.84 13.04 -21.99
N ARG A 93 -19.55 12.03 -21.48
CA ARG A 93 -20.78 11.56 -22.11
C ARG A 93 -22.05 12.12 -21.46
N ASP A 94 -21.96 12.85 -20.31
CA ASP A 94 -23.12 13.32 -19.52
C ASP A 94 -24.00 12.12 -19.17
N ALA A 95 -23.36 11.02 -18.73
CA ALA A 95 -24.09 9.79 -18.47
C ALA A 95 -23.34 8.96 -17.45
N PRO A 96 -24.01 8.00 -16.78
CA PRO A 96 -23.26 7.11 -15.87
C PRO A 96 -22.15 6.36 -16.64
N ALA A 97 -20.98 6.18 -16.02
CA ALA A 97 -19.91 5.44 -16.69
C ALA A 97 -20.29 3.98 -16.86
N HIS A 98 -21.19 3.45 -16.01
CA HIS A 98 -21.56 2.04 -16.03
C HIS A 98 -23.06 1.89 -16.15
N ILE A 99 -23.55 0.87 -16.88
CA ILE A 99 -25.00 0.64 -17.09
C ILE A 99 -25.75 0.30 -15.80
N SER A 100 -25.17 -0.58 -15.00
CA SER A 100 -25.83 -1.06 -13.79
C SER A 100 -25.22 -0.50 -12.52
N THR A 101 -25.94 -0.65 -11.42
CA THR A 101 -25.47 -0.19 -10.14
C THR A 101 -25.53 -1.30 -9.08
N ILE A 102 -24.90 -1.05 -7.92
CA ILE A 102 -24.92 -1.92 -6.77
C ILE A 102 -25.24 -1.02 -5.60
N GLY A 103 -26.36 -1.23 -4.96
CA GLY A 103 -26.79 -0.45 -3.80
C GLY A 103 -26.97 1.05 -3.99
N VAL A 104 -27.39 1.47 -5.17
CA VAL A 104 -27.57 2.89 -5.48
C VAL A 104 -29.04 3.30 -5.80
N CYS A 105 -29.66 2.62 -6.77
CA CYS A 105 -30.92 3.00 -7.33
C CYS A 105 -31.73 1.75 -7.64
N SER A 106 -32.98 1.69 -7.21
CA SER A 106 -33.79 0.47 -7.39
C SER A 106 -34.05 0.09 -8.85
N MET A 107 -34.01 1.06 -9.77
CA MET A 107 -34.22 0.78 -11.18
C MET A 107 -32.98 0.18 -11.86
N THR A 108 -31.77 0.58 -11.42
CA THR A 108 -30.55 0.10 -12.09
C THR A 108 -29.78 -0.96 -11.31
N ASP A 109 -30.07 -1.12 -10.01
CA ASP A 109 -29.37 -2.09 -9.20
C ASP A 109 -29.51 -3.49 -9.68
N ILE A 110 -28.39 -4.19 -9.75
CA ILE A 110 -28.40 -5.64 -9.98
C ILE A 110 -28.20 -6.39 -8.62
N ALA A 111 -27.75 -5.66 -7.58
CA ALA A 111 -27.48 -6.16 -6.25
C ALA A 111 -27.51 -4.95 -5.29
N LYS A 112 -27.61 -5.21 -3.98
CA LYS A 112 -27.49 -4.18 -2.97
C LYS A 112 -26.03 -4.14 -2.44
N LYS A 113 -25.34 -5.31 -2.44
CA LYS A 113 -23.96 -5.45 -1.98
C LYS A 113 -23.14 -6.19 -3.03
N PRO A 114 -21.85 -5.83 -3.20
CA PRO A 114 -21.03 -6.52 -4.20
C PRO A 114 -20.74 -8.00 -3.89
N THR A 115 -21.11 -8.47 -2.70
CA THR A 115 -20.90 -9.87 -2.33
C THR A 115 -21.98 -10.80 -2.93
N GLU A 116 -23.06 -10.22 -3.52
CA GLU A 116 -24.12 -11.00 -4.15
C GLU A 116 -23.54 -11.73 -5.36
N THR A 117 -23.98 -12.98 -5.60
CA THR A 117 -23.40 -13.83 -6.64
C THR A 117 -23.49 -13.22 -8.02
N ILE A 118 -24.48 -12.34 -8.31
CA ILE A 118 -24.55 -11.67 -9.60
C ILE A 118 -23.29 -10.84 -9.89
N CYS A 119 -22.64 -10.29 -8.84
CA CYS A 119 -21.44 -9.45 -9.04
C CYS A 119 -20.17 -10.23 -9.25
N ALA A 120 -20.14 -11.53 -8.91
CA ALA A 120 -18.93 -12.33 -9.05
C ALA A 120 -18.26 -12.26 -10.43
N PRO A 121 -18.98 -12.40 -11.56
CA PRO A 121 -18.32 -12.29 -12.87
C PRO A 121 -17.97 -10.88 -13.35
N LEU A 122 -18.51 -9.86 -12.69
CA LEU A 122 -18.27 -8.49 -13.08
C LEU A 122 -17.04 -7.93 -12.39
N THR A 123 -16.30 -7.09 -13.08
CA THR A 123 -15.15 -6.40 -12.46
C THR A 123 -15.74 -5.17 -11.74
N VAL A 124 -15.84 -5.28 -10.43
CA VAL A 124 -16.42 -4.26 -9.59
C VAL A 124 -15.35 -3.25 -9.16
N PHE A 125 -15.64 -1.95 -9.25
CA PHE A 125 -14.75 -0.92 -8.77
C PHE A 125 -14.96 -0.76 -7.26
N PHE A 126 -13.89 -0.83 -6.49
CA PHE A 126 -13.86 -0.67 -5.04
C PHE A 126 -12.97 0.50 -4.70
N ASP A 127 -13.38 1.25 -3.69
CA ASP A 127 -12.68 2.46 -3.24
C ASP A 127 -12.28 2.30 -1.79
N GLY A 128 -10.98 2.12 -1.57
CA GLY A 128 -10.39 1.97 -0.26
C GLY A 128 -10.67 3.11 0.68
N ARG A 129 -11.06 4.30 0.15
CA ARG A 129 -11.41 5.42 1.03
C ARG A 129 -12.77 5.19 1.74
N VAL A 130 -13.56 4.20 1.31
CA VAL A 130 -14.84 3.86 1.91
C VAL A 130 -14.60 2.65 2.80
N ASP A 131 -15.06 2.72 4.05
CA ASP A 131 -14.93 1.64 5.00
C ASP A 131 -15.46 0.32 4.47
N GLY A 132 -14.67 -0.74 4.62
CA GLY A 132 -15.05 -2.08 4.22
C GLY A 132 -14.80 -2.44 2.76
N GLN A 133 -14.41 -1.48 1.90
CA GLN A 133 -14.27 -1.78 0.48
C GLN A 133 -12.99 -2.51 0.12
N VAL A 134 -11.90 -2.34 0.89
CA VAL A 134 -10.69 -3.14 0.67
C VAL A 134 -11.02 -4.62 0.95
N ASP A 135 -11.77 -4.88 2.05
CA ASP A 135 -12.20 -6.24 2.41
C ASP A 135 -13.10 -6.83 1.35
N LEU A 136 -14.02 -6.01 0.81
CA LEU A 136 -14.91 -6.46 -0.28
C LEU A 136 -14.11 -6.82 -1.53
N PHE A 137 -13.03 -6.07 -1.83
CA PHE A 137 -12.16 -6.40 -2.96
C PHE A 137 -11.46 -7.76 -2.72
N ARG A 138 -10.96 -7.98 -1.49
CA ARG A 138 -10.30 -9.23 -1.12
C ARG A 138 -11.24 -10.42 -1.33
N ASN A 139 -12.54 -10.26 -1.09
CA ASN A 139 -13.49 -11.34 -1.27
C ASN A 139 -14.15 -11.39 -2.66
N ALA A 140 -13.96 -10.36 -3.50
CA ALA A 140 -14.55 -10.33 -4.83
C ALA A 140 -13.79 -11.21 -5.79
N ARG A 141 -14.50 -11.84 -6.73
CA ARG A 141 -13.86 -12.64 -7.75
C ARG A 141 -13.15 -11.74 -8.75
N ASN A 142 -13.81 -10.63 -9.16
CA ASN A 142 -13.28 -9.70 -10.13
C ASN A 142 -13.45 -8.30 -9.60
N GLY A 143 -12.41 -7.49 -9.75
CA GLY A 143 -12.49 -6.13 -9.27
C GLY A 143 -11.26 -5.29 -9.49
N VAL A 144 -11.43 -4.00 -9.31
CA VAL A 144 -10.37 -3.01 -9.37
C VAL A 144 -10.53 -2.21 -8.10
N LEU A 145 -9.44 -2.01 -7.38
CA LEU A 145 -9.47 -1.29 -6.14
C LEU A 145 -8.53 -0.10 -6.23
N ILE A 146 -8.94 1.04 -5.68
CA ILE A 146 -8.04 2.17 -5.52
C ILE A 146 -7.88 2.44 -4.04
N THR A 147 -6.68 2.87 -3.63
CA THR A 147 -6.44 3.24 -2.26
C THR A 147 -5.51 4.47 -2.23
N GLU A 148 -5.49 5.17 -1.08
CA GLU A 148 -4.57 6.27 -0.82
C GLU A 148 -3.27 5.80 -0.15
N GLY A 149 -3.23 4.54 0.31
CA GLY A 149 -2.08 3.98 0.96
C GLY A 149 -1.94 2.49 0.75
N SER A 150 -1.00 1.93 1.48
CA SER A 150 -0.65 0.54 1.45
C SER A 150 -1.75 -0.39 1.90
N VAL A 151 -1.91 -1.53 1.20
CA VAL A 151 -2.81 -2.57 1.64
C VAL A 151 -1.90 -3.74 1.93
N LYS A 152 -1.98 -4.31 3.13
CA LYS A 152 -1.05 -5.34 3.54
C LYS A 152 -1.05 -6.60 2.66
N GLY A 153 0.15 -6.92 2.16
CA GLY A 153 0.36 -8.06 1.30
C GLY A 153 0.04 -7.80 -0.15
N LEU A 154 -0.68 -6.71 -0.47
CA LEU A 154 -1.05 -6.41 -1.86
C LEU A 154 -0.05 -5.53 -2.56
N GLN A 155 0.52 -6.00 -3.68
CA GLN A 155 1.51 -5.20 -4.42
C GLN A 155 0.80 -4.12 -5.20
N PRO A 156 1.17 -2.84 -5.01
CA PRO A 156 0.42 -1.76 -5.69
C PRO A 156 0.98 -1.34 -7.04
N SER A 157 0.14 -0.64 -7.78
CA SER A 157 0.53 -0.02 -9.02
C SER A 157 0.26 1.47 -8.79
N VAL A 158 1.29 2.32 -8.89
CA VAL A 158 1.10 3.75 -8.72
C VAL A 158 0.33 4.28 -9.94
N GLY A 159 -0.86 4.80 -9.70
CA GLY A 159 -1.71 5.32 -10.77
C GLY A 159 -1.31 6.69 -11.25
N PRO A 160 -2.13 7.30 -12.14
CA PRO A 160 -1.81 8.66 -12.61
C PRO A 160 -1.85 9.71 -11.50
N LYS A 161 -1.19 10.85 -11.70
CA LYS A 161 -1.20 11.92 -10.71
C LYS A 161 -2.58 12.58 -10.59
N GLN A 162 -3.32 12.63 -11.71
CA GLN A 162 -4.61 13.28 -11.80
C GLN A 162 -5.78 12.36 -11.58
N ALA A 163 -6.88 12.95 -11.18
CA ALA A 163 -8.15 12.29 -11.01
C ALA A 163 -9.26 13.31 -11.39
N SER A 164 -10.48 12.83 -11.55
CA SER A 164 -11.60 13.66 -11.89
C SER A 164 -12.39 14.00 -10.62
N LEU A 165 -12.60 15.28 -10.38
CA LEU A 165 -13.40 15.74 -9.26
C LEU A 165 -14.54 16.57 -9.82
N ASN A 166 -15.75 16.01 -9.82
CA ASN A 166 -16.92 16.69 -10.36
C ASN A 166 -16.73 17.12 -11.81
N GLY A 167 -16.05 16.28 -12.58
CA GLY A 167 -15.79 16.53 -13.99
C GLY A 167 -14.58 17.39 -14.28
N VAL A 168 -13.87 17.84 -13.24
CA VAL A 168 -12.65 18.62 -13.43
C VAL A 168 -11.48 17.68 -13.21
N THR A 169 -10.64 17.48 -14.23
CA THR A 169 -9.47 16.64 -14.09
C THR A 169 -8.41 17.55 -13.50
N LEU A 170 -7.81 17.11 -12.40
CA LEU A 170 -6.83 17.91 -11.69
C LEU A 170 -5.88 17.03 -10.90
N ILE A 171 -4.71 17.61 -10.59
CA ILE A 171 -3.72 17.01 -9.74
C ILE A 171 -3.98 17.71 -8.41
N GLY A 172 -4.53 16.97 -7.47
CA GLY A 172 -4.96 17.50 -6.19
C GLY A 172 -3.90 18.08 -5.30
N GLU A 173 -4.21 19.22 -4.69
CA GLU A 173 -3.33 19.86 -3.70
C GLU A 173 -4.04 19.85 -2.35
N ALA A 174 -5.34 20.16 -2.33
CA ALA A 174 -6.16 20.12 -1.13
C ALA A 174 -6.74 18.71 -0.87
N VAL A 175 -6.72 17.84 -1.89
CA VAL A 175 -7.23 16.47 -1.89
C VAL A 175 -6.21 15.56 -2.59
N LYS A 176 -6.24 14.28 -2.27
CA LYS A 176 -5.36 13.32 -2.89
C LYS A 176 -6.02 12.78 -4.17
N THR A 177 -5.30 12.85 -5.30
CA THR A 177 -5.78 12.34 -6.59
C THR A 177 -4.91 11.18 -7.11
N GLN A 178 -3.74 10.92 -6.52
CA GLN A 178 -2.90 9.82 -6.97
C GLN A 178 -3.20 8.60 -6.13
N PHE A 179 -3.70 7.54 -6.76
CA PHE A 179 -4.10 6.34 -6.05
C PHE A 179 -3.20 5.16 -6.36
N ASN A 180 -3.20 4.17 -5.46
CA ASN A 180 -2.60 2.89 -5.72
C ASN A 180 -3.73 2.11 -6.41
N TYR A 181 -3.39 1.33 -7.43
CA TYR A 181 -4.34 0.49 -8.14
C TYR A 181 -4.02 -0.96 -7.91
N TYR A 182 -5.09 -1.76 -7.86
CA TYR A 182 -5.06 -3.20 -7.69
C TYR A 182 -6.15 -3.79 -8.54
N LYS A 183 -5.96 -5.03 -9.04
CA LYS A 183 -6.93 -5.67 -9.90
C LYS A 183 -6.94 -7.15 -9.67
N LYS A 184 -8.12 -7.76 -9.72
CA LYS A 184 -8.31 -9.19 -9.57
C LYS A 184 -9.11 -9.70 -10.75
N VAL A 185 -8.70 -10.86 -11.29
CA VAL A 185 -9.41 -11.54 -12.37
C VAL A 185 -9.58 -12.99 -11.94
N ASP A 186 -10.82 -13.50 -11.92
CA ASP A 186 -11.12 -14.89 -11.55
C ASP A 186 -10.59 -15.30 -10.18
N GLY A 187 -10.70 -14.38 -9.25
CA GLY A 187 -10.28 -14.56 -7.86
C GLY A 187 -8.80 -14.41 -7.66
N VAL A 188 -8.04 -14.10 -8.73
CA VAL A 188 -6.59 -14.01 -8.61
C VAL A 188 -6.11 -12.59 -8.82
N VAL A 189 -5.31 -12.08 -7.87
CA VAL A 189 -4.74 -10.76 -7.98
C VAL A 189 -3.84 -10.68 -9.20
N GLN A 190 -4.08 -9.70 -10.06
CA GLN A 190 -3.33 -9.53 -11.28
C GLN A 190 -2.29 -8.45 -11.14
N GLN A 191 -1.10 -8.72 -11.65
CA GLN A 191 0.00 -7.78 -11.69
C GLN A 191 -0.29 -6.77 -12.79
N LEU A 192 -0.51 -5.50 -12.43
CA LEU A 192 -0.74 -4.46 -13.42
C LEU A 192 0.59 -4.13 -14.11
N PRO A 193 0.55 -3.95 -15.43
CA PRO A 193 1.80 -3.70 -16.16
C PRO A 193 2.39 -2.33 -15.92
N GLU A 194 3.69 -2.19 -16.21
CA GLU A 194 4.38 -0.89 -16.18
C GLU A 194 3.75 -0.05 -17.29
N THR A 195 3.43 1.21 -17.02
CA THR A 195 2.69 2.01 -17.98
C THR A 195 3.07 3.46 -17.96
N TYR A 196 2.86 4.11 -19.10
CA TYR A 196 2.93 5.57 -19.19
C TYR A 196 1.48 6.01 -18.87
N PHE A 197 1.30 7.29 -18.61
CA PHE A 197 -0.03 7.86 -18.39
C PHE A 197 -0.23 9.05 -19.28
N THR A 198 -1.43 9.18 -19.84
CA THR A 198 -1.78 10.37 -20.61
C THR A 198 -1.98 11.51 -19.60
N GLN A 199 -1.79 12.76 -20.05
CA GLN A 199 -1.79 13.94 -19.19
C GLN A 199 -3.14 14.61 -19.01
N SER A 200 -4.14 14.22 -19.81
CA SER A 200 -5.52 14.72 -19.69
C SER A 200 -5.67 16.24 -19.79
N ARG A 201 -4.84 16.88 -20.63
CA ARG A 201 -4.93 18.33 -20.83
C ARG A 201 -5.90 18.71 -21.93
N ASN A 202 -6.34 19.99 -21.92
CA ASN A 202 -7.23 20.61 -22.92
C ASN A 202 -6.38 21.42 -23.87
N LEU A 203 -6.86 21.63 -25.08
CA LEU A 203 -6.18 22.43 -26.08
C LEU A 203 -6.08 23.91 -25.71
N GLN A 204 -7.20 24.49 -25.25
CA GLN A 204 -7.33 25.91 -24.93
C GLN A 204 -6.58 26.32 -23.68
N GLU A 205 -6.45 25.42 -22.69
CA GLU A 205 -5.73 25.74 -21.47
C GLU A 205 -4.55 24.81 -21.25
N PHE A 206 -3.84 24.48 -22.32
CA PHE A 206 -2.69 23.59 -22.24
C PHE A 206 -1.53 24.23 -21.50
N LYS A 207 -0.99 23.51 -20.52
CA LYS A 207 0.17 23.99 -19.77
C LYS A 207 1.30 22.97 -19.88
N PRO A 208 2.52 23.43 -20.15
CA PRO A 208 3.66 22.50 -20.19
C PRO A 208 3.96 21.92 -18.80
N ARG A 209 4.48 20.68 -18.76
CA ARG A 209 4.76 20.00 -17.50
C ARG A 209 6.20 19.49 -17.37
N SER A 210 7.10 20.09 -18.15
CA SER A 210 8.52 19.78 -18.15
C SER A 210 9.28 20.90 -18.88
N GLN A 211 10.61 20.97 -18.73
CA GLN A 211 11.40 21.97 -19.44
C GLN A 211 11.34 21.71 -20.94
N MET A 212 11.34 20.43 -21.36
CA MET A 212 11.21 20.09 -22.78
C MET A 212 9.88 20.61 -23.37
N GLU A 213 8.79 20.53 -22.59
CA GLU A 213 7.49 21.02 -23.06
C GLU A 213 7.45 22.54 -23.13
N ILE A 214 8.14 23.22 -22.19
CA ILE A 214 8.24 24.69 -22.19
C ILE A 214 9.01 25.11 -23.45
N ASP A 215 10.11 24.39 -23.77
CA ASP A 215 10.93 24.64 -24.95
C ASP A 215 10.20 24.36 -26.24
N PHE A 216 9.34 23.34 -26.26
CA PHE A 216 8.56 23.03 -27.46
C PHE A 216 7.63 24.18 -27.81
N LEU A 217 6.93 24.70 -26.79
CA LEU A 217 5.98 25.78 -26.98
C LEU A 217 6.64 27.13 -27.30
N GLU A 218 7.82 27.40 -26.73
CA GLU A 218 8.48 28.68 -26.94
C GLU A 218 9.40 28.70 -28.17
N LEU A 219 10.28 27.71 -28.30
CA LEU A 219 11.25 27.62 -29.41
C LEU A 219 10.60 27.36 -30.75
N ALA A 220 11.32 27.76 -31.83
CA ALA A 220 10.92 27.47 -33.20
C ALA A 220 11.21 25.98 -33.48
N MET A 221 10.50 25.41 -34.45
CA MET A 221 10.64 23.99 -34.79
C MET A 221 12.10 23.50 -34.94
N ASP A 222 12.88 24.13 -35.82
CA ASP A 222 14.23 23.69 -36.11
C ASP A 222 15.22 23.84 -34.94
N GLU A 223 14.98 24.80 -34.02
CA GLU A 223 15.87 24.95 -32.87
C GLU A 223 15.47 23.99 -31.73
N PHE A 224 14.17 23.64 -31.60
CA PHE A 224 13.78 22.65 -30.60
C PHE A 224 14.32 21.28 -31.00
N ILE A 225 14.18 20.92 -32.29
CA ILE A 225 14.66 19.65 -32.81
C ILE A 225 16.18 19.54 -32.64
N GLU A 226 16.89 20.66 -32.84
CA GLU A 226 18.34 20.70 -32.66
C GLU A 226 18.71 20.52 -31.19
N ARG A 227 18.08 21.31 -30.28
CA ARG A 227 18.35 21.25 -28.85
C ARG A 227 18.16 19.85 -28.25
N TYR A 228 17.10 19.14 -28.69
CA TYR A 228 16.82 17.81 -28.13
C TYR A 228 17.30 16.64 -29.00
N LYS A 229 18.12 16.93 -30.02
CA LYS A 229 18.72 15.95 -30.91
C LYS A 229 17.68 15.02 -31.52
N LEU A 230 16.61 15.62 -32.05
CA LEU A 230 15.49 14.90 -32.64
C LEU A 230 15.53 14.79 -34.16
N GLU A 231 16.69 15.07 -34.79
CA GLU A 231 16.83 14.94 -36.24
C GLU A 231 16.64 13.48 -36.66
N GLY A 232 15.80 13.26 -37.66
CA GLY A 232 15.53 11.92 -38.14
C GLY A 232 14.35 11.25 -37.46
N TYR A 233 13.73 11.91 -36.48
CA TYR A 233 12.58 11.32 -35.77
C TYR A 233 11.22 11.81 -36.25
N ALA A 234 11.20 12.57 -37.36
CA ALA A 234 10.02 13.10 -38.03
C ALA A 234 9.06 13.90 -37.13
N PHE A 235 9.61 14.66 -36.16
CA PHE A 235 8.78 15.50 -35.30
C PHE A 235 8.09 16.61 -36.11
N GLU A 236 8.72 17.05 -37.22
CA GLU A 236 8.16 18.04 -38.14
C GLU A 236 6.78 17.59 -38.62
N HIS A 237 6.66 16.29 -38.94
CA HIS A 237 5.42 15.65 -39.39
C HIS A 237 4.52 15.22 -38.21
N ILE A 238 5.00 14.28 -37.36
CA ILE A 238 4.29 13.73 -36.22
C ILE A 238 3.78 14.73 -35.19
N VAL A 239 4.66 15.62 -34.71
CA VAL A 239 4.30 16.52 -33.63
C VAL A 239 3.88 17.91 -34.08
N TYR A 240 4.67 18.56 -34.94
CA TYR A 240 4.34 19.90 -35.41
C TYR A 240 3.16 19.91 -36.37
N GLY A 241 3.07 18.88 -37.20
CA GLY A 241 2.01 18.79 -38.19
C GLY A 241 2.40 19.41 -39.52
N ASP A 242 1.91 18.84 -40.60
CA ASP A 242 2.19 19.32 -41.94
C ASP A 242 0.86 19.83 -42.53
N PHE A 243 0.76 21.13 -42.70
CA PHE A 243 -0.44 21.75 -43.24
C PHE A 243 -0.30 22.17 -44.70
N SER A 244 0.68 21.60 -45.43
CA SER A 244 0.95 22.00 -46.81
C SER A 244 0.11 21.30 -47.86
N HIS A 245 -0.36 20.08 -47.60
CA HIS A 245 -1.19 19.34 -48.57
C HIS A 245 -2.66 19.33 -48.15
N SER A 246 -3.58 18.87 -49.04
CA SER A 246 -5.00 18.80 -48.69
C SER A 246 -5.21 17.90 -47.49
N GLN A 247 -4.46 16.79 -47.39
CA GLN A 247 -4.52 15.95 -46.20
C GLN A 247 -3.49 16.44 -45.19
N LEU A 248 -3.97 16.83 -44.01
CA LEU A 248 -3.14 17.27 -42.88
C LEU A 248 -2.24 16.11 -42.46
N GLY A 249 -0.94 16.34 -42.41
CA GLY A 249 0.03 15.32 -42.08
C GLY A 249 0.40 15.30 -40.61
N GLY A 250 0.49 14.10 -40.05
CA GLY A 250 0.85 13.92 -38.65
C GLY A 250 -0.11 14.58 -37.68
N LEU A 251 0.46 15.34 -36.73
CA LEU A 251 -0.26 16.07 -35.69
C LEU A 251 -0.98 15.07 -34.75
N HIS A 252 -0.20 14.20 -34.12
CA HIS A 252 -0.77 13.16 -33.25
C HIS A 252 -0.54 13.40 -31.75
N LEU A 253 0.22 14.45 -31.39
CA LEU A 253 0.50 14.74 -29.98
C LEU A 253 -0.24 16.00 -29.61
N LEU A 254 -0.97 15.99 -28.48
CA LEU A 254 -1.75 17.15 -28.06
C LEU A 254 -0.92 18.45 -27.98
N ILE A 255 0.32 18.37 -27.49
CA ILE A 255 1.18 19.55 -27.38
C ILE A 255 1.38 20.26 -28.74
N GLY A 256 1.45 19.49 -29.84
CA GLY A 256 1.59 20.07 -31.18
C GLY A 256 0.34 20.79 -31.62
N LEU A 257 -0.82 20.27 -31.23
CA LEU A 257 -2.09 20.91 -31.52
C LEU A 257 -2.20 22.22 -30.71
N ALA A 258 -1.72 22.22 -29.45
CA ALA A 258 -1.76 23.39 -28.57
C ALA A 258 -0.86 24.50 -29.11
N LYS A 259 0.30 24.14 -29.68
CA LYS A 259 1.21 25.10 -30.26
C LYS A 259 0.56 25.75 -31.50
N ARG A 260 -0.04 24.92 -32.38
CA ARG A 260 -0.71 25.38 -33.59
C ARG A 260 -1.87 26.29 -33.22
N PHE A 261 -2.64 25.93 -32.18
CA PHE A 261 -3.80 26.66 -31.69
C PHE A 261 -3.50 28.11 -31.29
N LYS A 262 -2.29 28.39 -30.75
CA LYS A 262 -1.88 29.74 -30.39
C LYS A 262 -1.73 30.60 -31.64
N GLU A 263 -1.16 30.02 -32.71
CA GLU A 263 -0.97 30.74 -33.97
C GLU A 263 -2.30 30.89 -34.73
N SER A 264 -3.01 29.78 -35.02
CA SER A 264 -4.25 29.85 -35.75
C SER A 264 -5.22 28.75 -35.33
N PRO A 265 -6.53 29.04 -35.39
CA PRO A 265 -7.52 28.05 -34.93
C PRO A 265 -7.77 26.93 -35.93
N PHE A 266 -8.43 25.87 -35.45
CA PHE A 266 -8.82 24.76 -36.28
C PHE A 266 -10.03 24.06 -35.65
N GLU A 267 -10.77 23.31 -36.45
CA GLU A 267 -11.92 22.58 -35.95
C GLU A 267 -11.50 21.16 -35.61
N LEU A 268 -11.92 20.66 -34.45
CA LEU A 268 -11.66 19.29 -34.03
C LEU A 268 -13.02 18.68 -33.85
N GLU A 269 -13.45 17.83 -34.77
CA GLU A 269 -14.71 17.16 -34.64
C GLU A 269 -14.51 15.86 -33.84
N ASP A 270 -15.04 15.84 -32.63
CA ASP A 270 -14.96 14.71 -31.73
C ASP A 270 -16.13 13.80 -32.09
N PHE A 271 -15.99 12.98 -33.15
CA PHE A 271 -17.10 12.17 -33.67
C PHE A 271 -17.48 10.93 -32.81
N ILE A 272 -16.66 10.54 -31.80
CA ILE A 272 -17.01 9.48 -30.83
C ILE A 272 -16.74 10.15 -29.47
N PRO A 273 -17.65 11.01 -28.99
CA PRO A 273 -17.35 11.77 -27.77
C PRO A 273 -17.45 10.99 -26.45
N MET A 274 -16.34 10.48 -26.04
CA MET A 274 -16.18 9.72 -24.82
C MET A 274 -14.73 9.88 -24.33
N ASP A 275 -14.46 9.45 -23.11
CA ASP A 275 -13.11 9.51 -22.57
C ASP A 275 -12.32 8.30 -23.11
N SER A 276 -11.15 8.55 -23.71
CA SER A 276 -10.27 7.46 -24.12
C SER A 276 -8.82 7.89 -24.19
N THR A 277 -7.90 6.93 -23.97
CA THR A 277 -6.46 7.17 -23.99
C THR A 277 -6.03 7.82 -25.31
N VAL A 278 -6.54 7.30 -26.41
CA VAL A 278 -6.28 7.87 -27.73
C VAL A 278 -7.61 8.44 -28.23
N LYS A 279 -7.60 9.69 -28.70
CA LYS A 279 -8.81 10.31 -29.23
C LYS A 279 -8.72 10.44 -30.75
N ASN A 280 -9.84 10.30 -31.48
CA ASN A 280 -9.84 10.49 -32.93
C ASN A 280 -10.66 11.72 -33.27
N TYR A 281 -10.08 12.63 -34.08
CA TYR A 281 -10.79 13.85 -34.47
C TYR A 281 -10.79 14.03 -35.96
N PHE A 282 -11.85 14.63 -36.48
CA PHE A 282 -11.90 15.01 -37.89
C PHE A 282 -11.44 16.45 -37.80
N ILE A 283 -10.18 16.72 -38.16
CA ILE A 283 -9.63 18.06 -38.04
C ILE A 283 -9.63 18.88 -39.35
N THR A 284 -9.97 20.16 -39.27
CA THR A 284 -9.94 21.07 -40.41
C THR A 284 -9.15 22.28 -39.96
N ASP A 285 -7.99 22.52 -40.57
CA ASP A 285 -7.17 23.69 -40.23
C ASP A 285 -7.79 24.92 -40.89
N ALA A 286 -8.17 25.91 -40.09
CA ALA A 286 -8.85 27.09 -40.62
C ALA A 286 -7.98 27.98 -41.50
N GLN A 287 -6.69 28.07 -41.22
CA GLN A 287 -5.81 28.92 -42.02
C GLN A 287 -5.52 28.36 -43.42
N THR A 288 -5.18 27.07 -43.51
CA THR A 288 -4.80 26.45 -44.77
C THR A 288 -5.88 25.68 -45.49
N GLY A 289 -6.83 25.11 -44.76
CA GLY A 289 -7.81 24.21 -45.36
C GLY A 289 -7.29 22.77 -45.40
N SER A 290 -6.11 22.52 -44.81
CA SER A 290 -5.56 21.17 -44.70
C SER A 290 -6.47 20.42 -43.70
N SER A 291 -6.89 19.20 -44.03
CA SER A 291 -7.80 18.45 -43.15
C SER A 291 -7.52 16.94 -43.10
N LYS A 292 -8.05 16.24 -42.08
CA LYS A 292 -7.88 14.78 -41.95
C LYS A 292 -9.11 14.22 -41.24
N CYS A 293 -9.79 13.22 -41.84
CA CYS A 293 -11.01 12.62 -41.28
C CYS A 293 -10.77 11.96 -39.94
N VAL A 294 -9.68 11.22 -39.83
CA VAL A 294 -9.34 10.50 -38.61
C VAL A 294 -7.92 10.85 -38.20
N CYS A 295 -7.81 11.84 -37.33
CA CYS A 295 -6.51 12.23 -36.81
C CYS A 295 -6.46 11.73 -35.38
N SER A 296 -5.71 10.66 -35.14
CA SER A 296 -5.55 10.12 -33.79
C SER A 296 -4.65 11.07 -33.00
N VAL A 297 -5.05 11.40 -31.78
CA VAL A 297 -4.34 12.33 -30.93
C VAL A 297 -4.21 11.74 -29.54
N ILE A 298 -3.01 11.81 -28.99
CA ILE A 298 -2.76 11.34 -27.64
C ILE A 298 -2.03 12.45 -26.88
N ASP A 299 -2.41 12.64 -25.61
CA ASP A 299 -1.74 13.61 -24.77
C ASP A 299 -0.74 12.93 -23.87
N LEU A 300 0.46 12.71 -24.39
CA LEU A 300 1.55 12.18 -23.60
C LEU A 300 2.43 13.36 -23.26
N LEU A 301 3.15 13.29 -22.13
CA LEU A 301 4.18 14.28 -21.79
C LEU A 301 5.23 14.17 -22.90
N LEU A 302 5.63 15.29 -23.53
CA LEU A 302 6.56 15.23 -24.67
C LEU A 302 7.80 14.38 -24.40
N ASP A 303 8.31 14.39 -23.16
CA ASP A 303 9.47 13.61 -22.73
C ASP A 303 9.21 12.11 -22.85
N ASP A 304 7.99 11.68 -22.49
CA ASP A 304 7.57 10.30 -22.59
C ASP A 304 7.46 9.90 -24.05
N PHE A 305 6.89 10.77 -24.90
CA PHE A 305 6.79 10.48 -26.33
C PHE A 305 8.17 10.37 -26.97
N VAL A 306 9.10 11.25 -26.59
CA VAL A 306 10.50 11.26 -27.06
C VAL A 306 11.19 9.95 -26.60
N GLU A 307 10.98 9.54 -25.34
CA GLU A 307 11.53 8.30 -24.82
C GLU A 307 11.01 7.11 -25.62
N ILE A 308 9.69 7.06 -25.88
CA ILE A 308 9.10 5.97 -26.65
C ILE A 308 9.70 5.90 -28.07
N ILE A 309 9.68 7.03 -28.81
CA ILE A 309 10.15 7.03 -30.19
C ILE A 309 11.65 6.77 -30.29
N LYS A 310 12.45 7.25 -29.32
CA LYS A 310 13.89 6.98 -29.32
C LYS A 310 14.26 5.57 -28.86
N SER A 311 13.30 4.78 -28.38
CA SER A 311 13.55 3.41 -27.96
C SER A 311 13.15 2.38 -29.02
N GLN A 312 12.92 2.82 -30.27
CA GLN A 312 12.51 1.93 -31.34
C GLN A 312 13.61 1.66 -32.34
N ASP A 313 13.56 0.47 -32.93
CA ASP A 313 14.48 0.05 -33.98
C ASP A 313 13.93 0.68 -35.26
N LEU A 314 14.78 1.43 -35.97
CA LEU A 314 14.35 2.14 -37.18
C LEU A 314 14.78 1.46 -38.48
N SER A 315 14.99 0.13 -38.46
CA SER A 315 15.49 -0.59 -39.64
C SER A 315 14.44 -1.24 -40.54
N VAL A 316 13.14 -1.16 -40.21
CA VAL A 316 12.10 -1.79 -41.04
C VAL A 316 11.13 -0.75 -41.62
N VAL A 317 10.62 -0.98 -42.85
CA VAL A 317 9.67 -0.07 -43.50
C VAL A 317 8.45 0.23 -42.61
N SER A 318 7.74 -0.81 -42.14
CA SER A 318 6.57 -0.61 -41.31
C SER A 318 6.43 -1.71 -40.27
N LYS A 319 5.95 -1.34 -39.09
CA LYS A 319 5.71 -2.30 -38.03
C LYS A 319 4.83 -1.73 -36.92
N VAL A 320 4.22 -2.62 -36.14
CA VAL A 320 3.40 -2.23 -35.01
C VAL A 320 4.28 -2.17 -33.77
N VAL A 321 4.20 -1.06 -33.04
CA VAL A 321 4.92 -0.85 -31.81
C VAL A 321 3.85 -0.76 -30.71
N LYS A 322 3.85 -1.70 -29.75
CA LYS A 322 2.85 -1.71 -28.68
C LYS A 322 3.41 -0.98 -27.46
N VAL A 323 2.68 -0.01 -26.92
CA VAL A 323 3.16 0.76 -25.76
C VAL A 323 2.06 0.76 -24.71
N THR A 324 2.36 0.40 -23.45
CA THR A 324 1.35 0.42 -22.40
C THR A 324 1.15 1.86 -21.94
N ILE A 325 -0.07 2.37 -22.10
CA ILE A 325 -0.46 3.73 -21.73
C ILE A 325 -1.80 3.64 -21.02
N ASP A 326 -1.91 4.22 -19.82
CA ASP A 326 -3.15 4.16 -19.01
C ASP A 326 -3.60 2.72 -18.77
N TYR A 327 -2.62 1.79 -18.62
CA TYR A 327 -2.84 0.37 -18.39
C TYR A 327 -3.28 -0.42 -19.64
N THR A 328 -3.44 0.23 -20.79
CA THR A 328 -3.87 -0.47 -22.00
C THR A 328 -2.73 -0.54 -23.01
N GLU A 329 -2.72 -1.58 -23.84
CA GLU A 329 -1.71 -1.71 -24.89
C GLU A 329 -2.14 -0.86 -26.06
N ILE A 330 -1.41 0.21 -26.35
CA ILE A 330 -1.72 1.07 -27.47
C ILE A 330 -0.82 0.71 -28.65
N SER A 331 -1.44 0.38 -29.78
CA SER A 331 -0.69 0.04 -30.98
C SER A 331 -0.34 1.31 -31.74
N PHE A 332 0.90 1.38 -32.15
CA PHE A 332 1.39 2.50 -32.93
C PHE A 332 1.91 1.93 -34.23
N MET A 333 1.76 2.70 -35.28
CA MET A 333 2.31 2.32 -36.57
C MET A 333 3.59 3.12 -36.73
N LEU A 334 4.70 2.44 -36.97
CA LEU A 334 6.01 3.10 -37.14
C LEU A 334 6.49 2.86 -38.56
N TRP A 335 6.68 3.92 -39.31
CA TRP A 335 7.12 3.86 -40.68
C TRP A 335 8.48 4.47 -40.79
N CYS A 336 9.45 3.74 -41.33
CA CYS A 336 10.83 4.20 -41.45
C CYS A 336 11.34 4.10 -42.89
N LYS A 337 12.42 4.82 -43.19
CA LYS A 337 13.10 4.80 -44.49
C LYS A 337 14.53 5.23 -44.25
N ASP A 338 15.50 4.40 -44.69
CA ASP A 338 16.95 4.66 -44.57
C ASP A 338 17.44 4.98 -43.15
N GLY A 339 16.84 4.33 -42.15
CA GLY A 339 17.23 4.54 -40.76
C GLY A 339 16.62 5.75 -40.09
N HIS A 340 15.69 6.43 -40.77
CA HIS A 340 15.01 7.57 -40.19
C HIS A 340 13.51 7.32 -40.13
N VAL A 341 12.82 7.95 -39.19
CA VAL A 341 11.37 7.82 -39.06
C VAL A 341 10.70 8.66 -40.15
N GLU A 342 9.61 8.16 -40.73
CA GLU A 342 8.79 8.88 -41.68
C GLU A 342 7.52 9.34 -40.90
N THR A 343 6.89 8.41 -40.18
CA THR A 343 5.75 8.69 -39.31
C THR A 343 5.64 7.67 -38.20
N PHE A 344 4.97 8.05 -37.11
CA PHE A 344 4.74 7.23 -35.93
C PHE A 344 3.42 7.72 -35.38
N TYR A 345 2.40 6.88 -35.37
CA TYR A 345 1.07 7.32 -34.92
C TYR A 345 0.27 6.24 -34.25
N PRO A 346 -0.62 6.59 -33.31
CA PRO A 346 -1.50 5.56 -32.73
C PRO A 346 -2.37 4.93 -33.83
N LYS A 347 -2.06 3.66 -34.16
CA LYS A 347 -2.69 2.82 -35.18
C LYS A 347 -4.20 2.84 -35.15
N LEU A 348 -4.80 3.28 -36.27
CA LEU A 348 -6.25 3.39 -36.39
C LEU A 348 -6.88 1.99 -36.52
N GLN A 349 -7.48 1.50 -35.43
CA GLN A 349 -8.09 0.16 -35.38
C GLN A 349 -9.40 0.06 -36.19
N ALA B 2 20.78 8.85 45.52
CA ALA B 2 22.19 8.49 45.57
C ALA B 2 22.37 7.08 45.04
N MET B 3 22.64 7.00 43.74
CA MET B 3 22.84 5.73 43.06
C MET B 3 24.21 5.11 43.41
N SER B 4 24.25 3.78 43.54
CA SER B 4 25.44 3.05 43.90
C SER B 4 25.31 1.59 43.55
N LEU B 5 26.43 0.93 43.31
CA LEU B 5 26.46 -0.51 43.03
C LEU B 5 25.82 -1.31 44.19
N GLU B 6 26.21 -0.97 45.43
CA GLU B 6 25.75 -1.62 46.66
C GLU B 6 24.25 -1.44 46.88
N ASN B 7 23.72 -0.27 46.51
CA ASN B 7 22.30 0.00 46.61
C ASN B 7 21.52 -0.76 45.56
N VAL B 8 22.04 -0.84 44.32
CA VAL B 8 21.41 -1.64 43.26
C VAL B 8 21.34 -3.11 43.70
N ALA B 9 22.45 -3.65 44.20
CA ALA B 9 22.52 -5.03 44.69
C ALA B 9 21.56 -5.23 45.86
N PHE B 10 21.42 -4.25 46.78
CA PHE B 10 20.47 -4.35 47.89
C PHE B 10 19.05 -4.52 47.33
N ASN B 11 18.69 -3.69 46.35
CA ASN B 11 17.39 -3.75 45.72
C ASN B 11 17.17 -5.09 45.06
N VAL B 12 18.14 -5.62 44.30
CA VAL B 12 18.01 -6.92 43.65
C VAL B 12 17.77 -8.02 44.70
N VAL B 13 18.60 -8.07 45.74
CA VAL B 13 18.47 -9.06 46.82
C VAL B 13 17.12 -9.00 47.53
N ASN B 14 16.64 -7.79 47.91
CA ASN B 14 15.43 -7.66 48.71
C ASN B 14 14.14 -7.45 47.95
N LYS B 15 14.19 -6.88 46.75
CA LYS B 15 13.00 -6.54 45.97
C LYS B 15 12.88 -7.28 44.62
N GLY B 16 13.86 -8.10 44.28
CA GLY B 16 13.87 -8.86 43.04
C GLY B 16 14.27 -8.07 41.81
N HIS B 17 14.49 -6.77 41.96
CA HIS B 17 14.84 -5.81 40.92
C HIS B 17 15.02 -4.43 41.59
N PHE B 18 15.42 -3.40 40.82
CA PHE B 18 15.57 -2.06 41.36
C PHE B 18 14.20 -1.47 41.66
N ASP B 19 13.99 -1.11 42.91
CA ASP B 19 12.71 -0.59 43.36
C ASP B 19 12.82 0.73 44.16
N GLY B 20 13.94 1.43 44.01
CA GLY B 20 14.19 2.71 44.66
C GLY B 20 14.31 2.65 46.17
N GLN B 21 14.57 1.46 46.73
CA GLN B 21 14.70 1.29 48.16
C GLN B 21 16.07 1.65 48.70
N GLN B 22 16.13 2.21 49.89
CA GLN B 22 17.41 2.55 50.51
C GLN B 22 18.04 1.31 51.12
N GLY B 23 19.36 1.25 51.09
CA GLY B 23 20.08 0.12 51.66
C GLY B 23 21.29 -0.27 50.85
N GLU B 24 22.15 -1.11 51.43
CA GLU B 24 23.37 -1.56 50.76
C GLU B 24 23.69 -2.96 51.19
N VAL B 25 24.25 -3.75 50.27
CA VAL B 25 24.76 -5.09 50.56
C VAL B 25 26.21 -5.14 50.08
N PRO B 26 27.04 -6.01 50.69
CA PRO B 26 28.43 -6.11 50.24
C PRO B 26 28.46 -6.76 48.86
N VAL B 27 29.26 -6.22 47.94
CA VAL B 27 29.33 -6.73 46.58
C VAL B 27 30.75 -7.01 46.18
N SER B 28 30.95 -8.06 45.38
CA SER B 28 32.23 -8.28 44.76
C SER B 28 32.06 -8.48 43.26
N ILE B 29 32.94 -7.86 42.52
CA ILE B 29 32.91 -7.96 41.07
C ILE B 29 34.11 -8.77 40.63
N ILE B 30 33.86 -9.87 39.91
CA ILE B 30 34.95 -10.76 39.40
C ILE B 30 34.55 -11.25 38.05
N ASN B 31 35.44 -11.56 37.08
N ASN B 31 35.39 -10.71 37.17
CA ASN B 31 35.06 -12.22 35.78
CA ASN B 31 35.45 -10.72 35.72
C ASN B 31 33.58 -12.00 35.23
C ASN B 31 34.22 -9.99 35.29
N ASN B 32 33.23 -10.72 34.92
CA ASN B 32 31.96 -10.21 34.44
C ASN B 32 30.79 -10.64 35.28
N THR B 33 31.03 -10.97 36.56
CA THR B 33 30.00 -11.44 37.44
C THR B 33 29.92 -10.56 38.70
N VAL B 34 28.71 -10.29 39.13
CA VAL B 34 28.45 -9.56 40.34
C VAL B 34 28.02 -10.58 41.41
N TYR B 35 28.67 -10.54 42.57
CA TYR B 35 28.34 -11.40 43.69
C TYR B 35 27.97 -10.54 44.87
N THR B 36 27.23 -11.13 45.80
CA THR B 36 26.97 -10.51 47.08
C THR B 36 27.28 -11.51 48.19
N LYS B 37 27.72 -11.05 49.34
CA LYS B 37 28.03 -11.91 50.46
C LYS B 37 26.75 -12.17 51.22
N VAL B 38 26.38 -13.45 51.36
CA VAL B 38 25.20 -13.86 52.11
C VAL B 38 25.71 -14.81 53.18
N ASP B 39 25.74 -14.33 54.45
CA ASP B 39 26.19 -15.11 55.59
C ASP B 39 27.56 -15.75 55.38
N GLY B 40 28.54 -14.93 54.99
CA GLY B 40 29.90 -15.43 54.81
C GLY B 40 30.31 -15.95 53.45
N VAL B 41 29.37 -16.33 52.56
CA VAL B 41 29.74 -16.85 51.24
C VAL B 41 29.22 -15.98 50.10
N ASP B 42 29.90 -16.03 48.94
CA ASP B 42 29.55 -15.24 47.78
C ASP B 42 28.48 -15.93 47.00
N VAL B 43 27.46 -15.17 46.63
CA VAL B 43 26.34 -15.68 45.87
C VAL B 43 26.25 -14.82 44.62
N GLU B 44 26.17 -15.46 43.45
CA GLU B 44 26.05 -14.76 42.18
C GLU B 44 24.71 -14.04 41.99
N LEU B 45 24.76 -12.77 41.68
CA LEU B 45 23.56 -11.97 41.42
C LEU B 45 23.36 -11.72 39.92
N PHE B 46 24.45 -11.66 39.15
CA PHE B 46 24.35 -11.30 37.75
C PHE B 46 25.58 -11.67 36.98
N GLU B 47 25.42 -12.23 35.80
CA GLU B 47 26.52 -12.52 34.92
C GLU B 47 26.33 -11.63 33.69
N ASN B 48 27.28 -10.74 33.44
CA ASN B 48 27.23 -9.85 32.29
C ASN B 48 27.45 -10.56 30.96
N LYS B 49 26.42 -10.59 30.12
CA LYS B 49 26.54 -11.13 28.74
C LYS B 49 26.54 -9.98 27.71
N THR B 50 26.60 -8.71 28.17
CA THR B 50 26.54 -7.53 27.32
C THR B 50 27.97 -7.05 26.96
N THR B 51 28.06 -6.05 26.09
CA THR B 51 29.32 -5.41 25.75
C THR B 51 29.57 -4.15 26.61
N LEU B 52 28.76 -3.92 27.64
CA LEU B 52 28.90 -2.79 28.55
C LEU B 52 29.75 -3.27 29.75
N PRO B 53 30.31 -2.36 30.54
CA PRO B 53 30.99 -2.79 31.78
C PRO B 53 30.00 -3.53 32.70
N VAL B 54 30.47 -4.58 33.37
CA VAL B 54 29.68 -5.43 34.26
C VAL B 54 28.80 -4.66 35.23
N ASN B 55 29.34 -3.65 35.93
CA ASN B 55 28.54 -2.93 36.93
C ASN B 55 27.44 -2.06 36.29
N VAL B 56 27.67 -1.58 35.08
CA VAL B 56 26.73 -0.77 34.32
C VAL B 56 25.60 -1.69 33.79
N ALA B 57 25.96 -2.83 33.20
CA ALA B 57 24.95 -3.78 32.71
C ALA B 57 24.07 -4.28 33.86
N PHE B 58 24.68 -4.54 35.03
CA PHE B 58 23.96 -4.99 36.23
C PHE B 58 22.92 -3.97 36.63
N GLU B 59 23.30 -2.69 36.63
CA GLU B 59 22.35 -1.63 36.97
C GLU B 59 21.21 -1.52 35.97
N LEU B 60 21.51 -1.60 34.66
CA LEU B 60 20.45 -1.49 33.64
C LEU B 60 19.50 -2.69 33.72
N TRP B 61 20.05 -3.87 33.97
CA TRP B 61 19.23 -5.08 34.12
C TRP B 61 18.34 -4.94 35.37
N ALA B 62 18.90 -4.48 36.51
CA ALA B 62 18.12 -4.26 37.72
C ALA B 62 16.98 -3.26 37.47
N LYS B 63 17.23 -2.23 36.63
CA LYS B 63 16.28 -1.19 36.28
C LYS B 63 15.41 -1.50 35.07
N ARG B 64 15.36 -2.76 34.66
CA ARG B 64 14.54 -3.17 33.54
C ARG B 64 13.06 -2.94 33.83
N ASN B 65 12.31 -2.72 32.76
CA ASN B 65 10.88 -2.54 32.81
C ASN B 65 10.27 -3.92 33.12
N ILE B 66 9.51 -3.99 34.19
CA ILE B 66 8.87 -5.24 34.60
C ILE B 66 7.36 -5.30 34.31
N LYS B 67 6.87 -4.38 33.47
CA LYS B 67 5.51 -4.40 33.01
C LYS B 67 5.56 -5.03 31.62
N PRO B 68 4.42 -5.49 31.06
CA PRO B 68 4.44 -5.97 29.67
C PRO B 68 4.86 -4.81 28.77
N VAL B 69 5.84 -5.04 27.94
CA VAL B 69 6.33 -4.01 27.02
C VAL B 69 6.36 -4.59 25.62
N PRO B 70 6.37 -3.71 24.60
CA PRO B 70 6.47 -4.23 23.22
C PRO B 70 7.71 -5.10 23.06
N GLU B 71 7.57 -6.15 22.24
CA GLU B 71 8.72 -7.01 21.93
C GLU B 71 9.74 -6.16 21.18
N VAL B 72 11.03 -6.39 21.45
CA VAL B 72 12.13 -5.65 20.84
C VAL B 72 12.03 -5.55 19.30
N LYS B 73 11.59 -6.63 18.62
CA LYS B 73 11.45 -6.60 17.15
C LYS B 73 10.47 -5.49 16.71
N ILE B 74 9.38 -5.23 17.47
CA ILE B 74 8.42 -4.17 17.15
C ILE B 74 9.09 -2.80 17.33
N LEU B 75 9.79 -2.59 18.46
CA LEU B 75 10.47 -1.33 18.72
C LEU B 75 11.51 -1.03 17.65
N ASN B 76 12.32 -2.05 17.29
CA ASN B 76 13.31 -1.94 16.24
C ASN B 76 12.62 -1.60 14.91
N ASN B 77 11.52 -2.29 14.56
CA ASN B 77 10.83 -2.03 13.28
C ASN B 77 10.23 -0.63 13.20
N LEU B 78 9.90 -0.03 14.35
CA LEU B 78 9.40 1.34 14.43
C LEU B 78 10.51 2.39 14.55
N GLY B 79 11.77 1.96 14.53
CA GLY B 79 12.91 2.86 14.56
C GLY B 79 13.22 3.44 15.92
N VAL B 80 12.78 2.77 16.99
CA VAL B 80 13.02 3.24 18.35
C VAL B 80 14.52 3.22 18.69
N ASP B 81 15.02 4.36 19.14
CA ASP B 81 16.44 4.52 19.49
C ASP B 81 16.70 4.36 20.97
N ILE B 82 15.78 4.85 21.80
CA ILE B 82 15.97 4.95 23.23
C ILE B 82 14.62 4.99 23.91
N ALA B 83 14.57 4.68 25.20
CA ALA B 83 13.33 4.73 25.95
C ALA B 83 13.35 5.87 26.95
N ALA B 84 12.17 6.45 27.18
CA ALA B 84 12.02 7.51 28.18
C ALA B 84 11.93 6.92 29.58
N ASN B 85 12.97 7.14 30.40
CA ASN B 85 13.02 6.82 31.83
C ASN B 85 12.71 5.38 32.19
N THR B 86 13.20 4.45 31.37
CA THR B 86 13.05 3.01 31.59
C THR B 86 14.14 2.27 30.80
N VAL B 87 14.28 0.96 31.06
CA VAL B 87 15.18 0.13 30.30
C VAL B 87 14.33 -0.99 29.72
N ILE B 88 14.34 -1.14 28.40
CA ILE B 88 13.68 -2.27 27.76
C ILE B 88 14.78 -3.31 27.69
N TRP B 89 14.68 -4.36 28.53
CA TRP B 89 15.69 -5.41 28.52
C TRP B 89 15.42 -6.35 27.40
N ASP B 90 16.42 -6.61 26.60
CA ASP B 90 16.31 -7.54 25.48
C ASP B 90 16.70 -8.92 26.00
N TYR B 91 15.71 -9.77 26.32
CA TYR B 91 15.96 -11.10 26.84
C TYR B 91 16.53 -12.05 25.81
N LYS B 92 16.36 -11.77 24.51
CA LYS B 92 16.95 -12.61 23.49
C LYS B 92 18.44 -12.39 23.38
N ARG B 93 18.92 -11.17 23.61
CA ARG B 93 20.35 -10.88 23.61
C ARG B 93 20.96 -10.84 25.02
N ASP B 94 20.16 -10.93 26.11
CA ASP B 94 20.60 -10.77 27.51
C ASP B 94 21.31 -9.43 27.64
N ALA B 95 20.72 -8.37 27.07
CA ALA B 95 21.36 -7.07 27.03
C ALA B 95 20.32 -5.98 26.93
N PRO B 96 20.65 -4.73 27.26
CA PRO B 96 19.68 -3.63 27.03
C PRO B 96 19.30 -3.55 25.56
N ALA B 97 18.02 -3.28 25.25
CA ALA B 97 17.61 -3.15 23.85
C ALA B 97 18.25 -1.92 23.21
N HIS B 98 18.60 -0.91 24.02
CA HIS B 98 19.11 0.33 23.50
C HIS B 98 20.47 0.66 24.14
N ILE B 99 21.34 1.30 23.38
CA ILE B 99 22.68 1.66 23.87
C ILE B 99 22.63 2.66 25.03
N SER B 100 21.82 3.72 24.86
CA SER B 100 21.76 4.79 25.82
C SER B 100 20.48 4.83 26.61
N THR B 101 20.50 5.62 27.70
CA THR B 101 19.33 5.77 28.54
C THR B 101 18.96 7.23 28.77
N ILE B 102 17.77 7.47 29.32
CA ILE B 102 17.29 8.79 29.70
C ILE B 102 16.77 8.63 31.10
N GLY B 103 17.39 9.31 32.05
CA GLY B 103 16.98 9.28 33.45
C GLY B 103 17.02 7.95 34.15
N VAL B 104 17.97 7.08 33.79
CA VAL B 104 18.09 5.74 34.38
C VAL B 104 19.41 5.49 35.14
N CYS B 105 20.55 5.69 34.48
CA CYS B 105 21.85 5.29 34.96
C CYS B 105 22.87 6.33 34.56
N SER B 106 23.68 6.81 35.50
CA SER B 106 24.64 7.88 35.23
C SER B 106 25.69 7.54 34.18
N MET B 107 26.03 6.25 34.02
CA MET B 107 27.02 5.85 33.03
C MET B 107 26.45 5.83 31.62
N THR B 108 25.16 5.52 31.45
CA THR B 108 24.57 5.41 30.10
C THR B 108 23.66 6.56 29.70
N ASP B 109 23.22 7.38 30.66
CA ASP B 109 22.34 8.50 30.37
C ASP B 109 22.90 9.51 29.43
N ILE B 110 22.11 9.87 28.43
CA ILE B 110 22.46 11.00 27.58
C ILE B 110 21.66 12.26 28.03
N ALA B 111 20.62 12.07 28.83
CA ALA B 111 19.73 13.11 29.36
C ALA B 111 19.03 12.55 30.62
N LYS B 112 18.44 13.41 31.43
CA LYS B 112 17.62 13.00 32.56
C LYS B 112 16.13 12.98 32.14
N LYS B 113 15.74 13.86 31.19
CA LYS B 113 14.37 13.97 30.68
C LYS B 113 14.37 13.94 29.16
N PRO B 114 13.34 13.34 28.53
CA PRO B 114 13.31 13.30 27.05
C PRO B 114 13.14 14.65 26.38
N THR B 115 12.86 15.71 27.15
CA THR B 115 12.71 17.05 26.58
C THR B 115 14.06 17.73 26.33
N GLU B 116 15.19 17.14 26.78
CA GLU B 116 16.53 17.68 26.54
C GLU B 116 16.83 17.61 25.04
N THR B 117 17.50 18.64 24.50
CA THR B 117 17.72 18.76 23.07
C THR B 117 18.46 17.57 22.47
N ILE B 118 19.28 16.84 23.25
CA ILE B 118 19.96 15.65 22.72
C ILE B 118 18.93 14.59 22.26
N CYS B 119 17.74 14.54 22.88
CA CYS B 119 16.73 13.53 22.53
C CYS B 119 15.87 13.91 21.35
N ALA B 120 15.78 15.21 21.01
CA ALA B 120 14.90 15.66 19.93
C ALA B 120 15.08 14.88 18.60
N PRO B 121 16.30 14.62 18.07
CA PRO B 121 16.40 13.84 16.83
C PRO B 121 16.19 12.32 16.99
N LEU B 122 16.26 11.81 18.22
CA LEU B 122 16.11 10.38 18.46
C LEU B 122 14.65 10.00 18.55
N THR B 123 14.30 8.79 18.12
CA THR B 123 12.94 8.29 18.27
C THR B 123 12.87 7.71 19.68
N VAL B 124 12.21 8.43 20.59
CA VAL B 124 12.09 8.04 22.00
C VAL B 124 10.83 7.22 22.20
N PHE B 125 10.95 6.12 22.93
CA PHE B 125 9.81 5.30 23.27
C PHE B 125 9.14 5.91 24.50
N PHE B 126 7.83 6.17 24.40
CA PHE B 126 6.99 6.71 25.46
C PHE B 126 5.89 5.71 25.79
N ASP B 127 5.57 5.60 27.07
CA ASP B 127 4.61 4.64 27.59
C ASP B 127 3.49 5.39 28.29
N GLY B 128 2.33 5.41 27.66
CA GLY B 128 1.13 6.05 28.16
C GLY B 128 0.68 5.57 29.51
N ARG B 129 1.14 4.37 29.94
CA ARG B 129 0.80 3.89 31.29
C ARG B 129 1.57 4.65 32.39
N VAL B 130 2.58 5.45 32.02
CA VAL B 130 3.36 6.24 32.96
C VAL B 130 2.83 7.67 32.85
N ASP B 131 2.51 8.28 33.99
CA ASP B 131 2.00 9.65 34.04
C ASP B 131 2.92 10.63 33.33
N GLY B 132 2.33 11.46 32.48
CA GLY B 132 3.06 12.49 31.76
C GLY B 132 3.71 12.07 30.45
N GLN B 133 3.76 10.76 30.13
CA GLN B 133 4.46 10.33 28.92
C GLN B 133 3.68 10.55 27.64
N VAL B 134 2.34 10.57 27.69
CA VAL B 134 1.54 10.93 26.50
C VAL B 134 1.84 12.40 26.15
N ASP B 135 1.89 13.28 27.17
CA ASP B 135 2.20 14.70 26.98
C ASP B 135 3.61 14.88 26.44
N LEU B 136 4.58 14.10 26.96
CA LEU B 136 5.96 14.13 26.46
C LEU B 136 6.04 13.72 24.98
N PHE B 137 5.23 12.73 24.57
CA PHE B 137 5.16 12.31 23.18
C PHE B 137 4.60 13.48 22.32
N ARG B 138 3.53 14.14 22.79
CA ARG B 138 2.92 15.28 22.09
C ARG B 138 3.92 16.39 21.85
N ASN B 139 4.86 16.60 22.79
CA ASN B 139 5.85 17.66 22.62
C ASN B 139 7.16 17.18 21.99
N ALA B 140 7.37 15.86 21.83
CA ALA B 140 8.59 15.32 21.24
C ALA B 140 8.58 15.46 19.72
N ARG B 141 9.74 15.70 19.13
CA ARG B 141 9.87 15.80 17.69
C ARG B 141 9.78 14.37 17.09
N ASN B 142 10.46 13.40 17.72
CA ASN B 142 10.47 12.01 17.25
C ASN B 142 10.17 11.08 18.39
N GLY B 143 9.31 10.12 18.14
CA GLY B 143 8.92 9.19 19.18
C GLY B 143 7.92 8.15 18.76
N VAL B 144 7.78 7.14 19.60
CA VAL B 144 6.82 6.08 19.47
C VAL B 144 6.13 6.01 20.82
N LEU B 145 4.81 5.98 20.81
CA LEU B 145 4.04 5.95 22.03
C LEU B 145 3.17 4.72 22.04
N ILE B 146 3.07 4.07 23.19
CA ILE B 146 2.09 3.01 23.37
C ILE B 146 1.09 3.45 24.43
N THR B 147 -0.16 3.03 24.27
CA THR B 147 -1.18 3.31 25.26
C THR B 147 -2.10 2.09 25.37
N GLU B 148 -2.84 1.98 26.45
CA GLU B 148 -3.84 0.95 26.62
C GLU B 148 -5.19 1.35 26.03
N GLY B 149 -5.47 2.66 25.99
CA GLY B 149 -6.72 3.17 25.46
C GLY B 149 -6.53 4.31 24.49
N SER B 150 -7.59 5.10 24.28
CA SER B 150 -7.62 6.21 23.33
C SER B 150 -6.86 7.46 23.78
N VAL B 151 -6.22 8.12 22.80
CA VAL B 151 -5.51 9.37 22.99
C VAL B 151 -6.33 10.39 22.18
N LYS B 152 -6.87 11.42 22.84
CA LYS B 152 -7.72 12.41 22.15
C LYS B 152 -7.00 13.04 20.94
N GLY B 153 -7.67 13.06 19.79
CA GLY B 153 -7.11 13.68 18.59
C GLY B 153 -6.21 12.76 17.79
N LEU B 154 -5.49 11.85 18.45
CA LEU B 154 -4.60 10.94 17.74
C LEU B 154 -5.30 9.67 17.31
N GLN B 155 -5.09 9.29 16.04
CA GLN B 155 -5.66 8.06 15.50
C GLN B 155 -4.70 6.92 15.82
N PRO B 156 -5.20 5.80 16.37
CA PRO B 156 -4.30 4.72 16.80
C PRO B 156 -4.04 3.64 15.78
N SER B 157 -2.99 2.89 16.03
CA SER B 157 -2.68 1.70 15.25
C SER B 157 -2.77 0.56 16.27
N VAL B 158 -3.68 -0.40 16.06
CA VAL B 158 -3.83 -1.51 16.97
C VAL B 158 -2.59 -2.40 16.81
N GLY B 159 -1.82 -2.52 17.88
CA GLY B 159 -0.61 -3.30 17.86
C GLY B 159 -0.88 -4.79 18.00
N PRO B 160 0.20 -5.58 18.16
CA PRO B 160 -0.01 -7.03 18.34
C PRO B 160 -0.75 -7.38 19.64
N LYS B 161 -1.35 -8.57 19.70
CA LYS B 161 -2.05 -9.00 20.92
C LYS B 161 -1.08 -9.28 22.08
N GLN B 162 0.13 -9.72 21.74
CA GLN B 162 1.15 -10.11 22.71
C GLN B 162 2.14 -9.00 23.05
N ALA B 163 2.75 -9.14 24.21
CA ALA B 163 3.81 -8.27 24.69
C ALA B 163 4.76 -9.13 25.52
N SER B 164 5.94 -8.59 25.85
CA SER B 164 6.94 -9.27 26.63
C SER B 164 6.84 -8.84 28.09
N LEU B 165 6.69 -9.79 29.00
CA LEU B 165 6.65 -9.49 30.43
C LEU B 165 7.78 -10.30 31.07
N ASN B 166 8.86 -9.61 31.45
CA ASN B 166 10.01 -10.28 32.05
C ASN B 166 10.58 -11.38 31.17
N GLY B 167 10.57 -11.14 29.86
CA GLY B 167 11.09 -12.06 28.87
C GLY B 167 10.13 -13.13 28.43
N VAL B 168 8.91 -13.15 28.97
CA VAL B 168 7.90 -14.11 28.58
C VAL B 168 6.96 -13.38 27.63
N THR B 169 6.86 -13.84 26.38
CA THR B 169 5.94 -13.25 25.45
C THR B 169 4.61 -13.94 25.71
N LEU B 170 3.58 -13.14 25.92
CA LEU B 170 2.27 -13.67 26.25
C LEU B 170 1.18 -12.70 25.84
N ILE B 171 -0.04 -13.24 25.70
CA ILE B 171 -1.24 -12.48 25.45
C ILE B 171 -1.84 -12.42 26.84
N GLY B 172 -1.82 -11.23 27.43
CA GLY B 172 -2.23 -11.00 28.79
C GLY B 172 -3.70 -11.24 29.09
N GLU B 173 -3.96 -11.90 30.21
CA GLU B 173 -5.32 -12.11 30.70
C GLU B 173 -5.50 -11.34 32.00
N ALA B 174 -4.50 -11.37 32.88
CA ALA B 174 -4.50 -10.61 34.13
C ALA B 174 -3.97 -9.17 33.93
N VAL B 175 -3.25 -8.93 32.81
CA VAL B 175 -2.64 -7.66 32.43
C VAL B 175 -2.94 -7.39 30.97
N LYS B 176 -2.89 -6.11 30.57
CA LYS B 176 -3.12 -5.74 29.19
C LYS B 176 -1.79 -5.79 28.43
N THR B 177 -1.78 -6.52 27.31
CA THR B 177 -0.60 -6.61 26.44
C THR B 177 -0.86 -6.03 25.04
N GLN B 178 -2.12 -5.73 24.67
CA GLN B 178 -2.41 -5.13 23.36
C GLN B 178 -2.41 -3.66 23.49
N PHE B 179 -1.48 -3.00 22.79
CA PHE B 179 -1.36 -1.55 22.89
C PHE B 179 -1.75 -0.85 21.62
N ASN B 180 -2.14 0.42 21.75
CA ASN B 180 -2.32 1.28 20.63
C ASN B 180 -0.92 1.86 20.38
N TYR B 181 -0.54 1.99 19.13
CA TYR B 181 0.74 2.57 18.74
C TYR B 181 0.52 3.87 18.01
N TYR B 182 1.46 4.79 18.24
CA TYR B 182 1.51 6.12 17.64
C TYR B 182 2.97 6.41 17.36
N LYS B 183 3.25 7.19 16.32
CA LYS B 183 4.63 7.50 15.95
C LYS B 183 4.69 8.88 15.38
N LYS B 184 5.74 9.63 15.71
CA LYS B 184 5.94 10.97 15.18
C LYS B 184 7.33 11.01 14.58
N VAL B 185 7.46 11.65 13.43
CA VAL B 185 8.72 11.84 12.73
C VAL B 185 8.75 13.34 12.41
N ASP B 186 9.74 14.07 12.95
CA ASP B 186 9.91 15.52 12.77
C ASP B 186 8.69 16.35 13.17
N GLY B 187 8.07 15.97 14.28
CA GLY B 187 6.93 16.65 14.85
C GLY B 187 5.59 16.33 14.21
N VAL B 188 5.59 15.46 13.19
CA VAL B 188 4.39 15.08 12.46
C VAL B 188 3.93 13.69 12.87
N VAL B 189 2.69 13.56 13.35
CA VAL B 189 2.09 12.29 13.70
C VAL B 189 1.96 11.46 12.42
N GLN B 190 2.55 10.27 12.42
CA GLN B 190 2.55 9.40 11.26
C GLN B 190 1.26 8.59 11.18
N GLN B 191 0.92 8.16 9.98
CA GLN B 191 -0.17 7.23 9.77
C GLN B 191 0.55 5.90 9.62
N LEU B 192 0.56 5.09 10.68
CA LEU B 192 1.25 3.80 10.65
C LEU B 192 0.60 2.89 9.64
N PRO B 193 1.39 2.14 8.87
CA PRO B 193 0.79 1.35 7.79
C PRO B 193 0.00 0.15 8.28
N GLU B 194 -0.85 -0.38 7.39
CA GLU B 194 -1.57 -1.64 7.57
C GLU B 194 -0.51 -2.73 7.71
N THR B 195 -0.64 -3.60 8.69
CA THR B 195 0.38 -4.60 8.92
C THR B 195 -0.16 -5.88 9.46
N TYR B 196 0.53 -6.96 9.11
CA TYR B 196 0.31 -8.25 9.73
C TYR B 196 1.23 -8.25 10.96
N PHE B 197 1.03 -9.19 11.86
CA PHE B 197 1.90 -9.34 13.01
C PHE B 197 2.37 -10.75 13.11
N THR B 198 3.65 -10.93 13.46
CA THR B 198 4.14 -12.27 13.76
C THR B 198 3.55 -12.69 15.13
N GLN B 199 3.41 -14.00 15.36
CA GLN B 199 2.75 -14.54 16.53
C GLN B 199 3.66 -14.83 17.71
N SER B 200 4.98 -14.76 17.53
CA SER B 200 5.97 -14.92 18.59
C SER B 200 5.86 -16.22 19.40
N ARG B 201 5.50 -17.31 18.73
CA ARG B 201 5.39 -18.59 19.40
C ARG B 201 6.72 -19.35 19.43
N ASN B 202 6.81 -20.34 20.32
CA ASN B 202 7.97 -21.23 20.50
C ASN B 202 7.63 -22.53 19.81
N LEU B 203 8.65 -23.24 19.39
CA LEU B 203 8.51 -24.53 18.75
C LEU B 203 7.97 -25.61 19.69
N GLN B 204 8.51 -25.69 20.91
CA GLN B 204 8.19 -26.71 21.90
C GLN B 204 6.82 -26.54 22.52
N GLU B 205 6.33 -25.29 22.65
CA GLU B 205 5.01 -25.06 23.23
C GLU B 205 4.09 -24.33 22.26
N PHE B 206 4.15 -24.72 20.98
CA PHE B 206 3.33 -24.09 19.97
C PHE B 206 1.85 -24.39 20.15
N LYS B 207 1.02 -23.36 20.14
CA LYS B 207 -0.43 -23.53 20.24
C LYS B 207 -1.12 -22.89 19.04
N PRO B 208 -2.07 -23.61 18.43
CA PRO B 208 -2.81 -23.04 17.29
C PRO B 208 -3.70 -21.86 17.74
N ARG B 209 -3.91 -20.88 16.84
CA ARG B 209 -4.70 -19.70 17.17
C ARG B 209 -5.86 -19.43 16.20
N SER B 210 -6.28 -20.48 15.48
CA SER B 210 -7.40 -20.45 14.55
C SER B 210 -7.81 -21.88 14.23
N GLN B 211 -8.99 -22.07 13.63
CA GLN B 211 -9.44 -23.41 13.24
C GLN B 211 -8.53 -23.96 12.14
N MET B 212 -8.07 -23.11 11.21
CA MET B 212 -7.14 -23.54 10.18
C MET B 212 -5.82 -24.07 10.80
N GLU B 213 -5.33 -23.44 11.86
CA GLU B 213 -4.11 -23.89 12.53
C GLU B 213 -4.31 -25.18 13.28
N ILE B 214 -5.52 -25.37 13.87
CA ILE B 214 -5.86 -26.61 14.56
C ILE B 214 -5.89 -27.75 13.52
N ASP B 215 -6.48 -27.49 12.35
CA ASP B 215 -6.57 -28.44 11.25
C ASP B 215 -5.21 -28.75 10.67
N PHE B 216 -4.30 -27.77 10.59
CA PHE B 216 -2.96 -28.00 10.06
C PHE B 216 -2.21 -29.00 10.93
N LEU B 217 -2.29 -28.82 12.25
CA LEU B 217 -1.60 -29.67 13.21
C LEU B 217 -2.22 -31.06 13.33
N GLU B 218 -3.55 -31.18 13.19
CA GLU B 218 -4.21 -32.47 13.33
C GLU B 218 -4.29 -33.27 12.04
N LEU B 219 -4.71 -32.67 10.95
CA LEU B 219 -4.87 -33.38 9.68
C LEU B 219 -3.56 -33.77 9.00
N ALA B 220 -3.66 -34.74 8.07
CA ALA B 220 -2.54 -35.14 7.24
C ALA B 220 -2.40 -34.10 6.13
N MET B 221 -1.18 -33.94 5.61
CA MET B 221 -0.85 -32.94 4.59
C MET B 221 -1.88 -32.85 3.44
N ASP B 222 -2.19 -33.97 2.79
CA ASP B 222 -3.11 -33.98 1.67
C ASP B 222 -4.56 -33.65 2.05
N GLU B 223 -4.99 -34.01 3.27
CA GLU B 223 -6.34 -33.68 3.72
C GLU B 223 -6.45 -32.18 3.96
N PHE B 224 -5.42 -31.56 4.59
CA PHE B 224 -5.45 -30.14 4.91
C PHE B 224 -5.42 -29.28 3.64
N ILE B 225 -4.54 -29.63 2.71
CA ILE B 225 -4.42 -28.90 1.44
C ILE B 225 -5.73 -28.97 0.65
N GLU B 226 -6.40 -30.13 0.70
CA GLU B 226 -7.69 -30.31 0.04
C GLU B 226 -8.76 -29.47 0.72
N ARG B 227 -8.89 -29.56 2.05
CA ARG B 227 -9.89 -28.80 2.82
C ARG B 227 -9.81 -27.29 2.60
N TYR B 228 -8.59 -26.74 2.54
CA TYR B 228 -8.42 -25.29 2.38
C TYR B 228 -8.12 -24.83 0.95
N LYS B 229 -8.28 -25.74 -0.03
CA LYS B 229 -8.11 -25.47 -1.46
C LYS B 229 -6.75 -24.84 -1.75
N LEU B 230 -5.69 -25.44 -1.20
CA LEU B 230 -4.33 -24.95 -1.33
C LEU B 230 -3.51 -25.65 -2.41
N GLU B 231 -4.15 -26.40 -3.32
CA GLU B 231 -3.44 -27.05 -4.43
C GLU B 231 -2.80 -25.99 -5.34
N GLY B 232 -1.54 -26.19 -5.66
CA GLY B 232 -0.81 -25.25 -6.51
C GLY B 232 -0.10 -24.15 -5.76
N TYR B 233 -0.25 -24.10 -4.42
CA TYR B 233 0.40 -23.07 -3.62
C TYR B 233 1.69 -23.53 -2.94
N ALA B 234 2.17 -24.75 -3.28
CA ALA B 234 3.41 -25.35 -2.80
C ALA B 234 3.53 -25.42 -1.27
N PHE B 235 2.42 -25.65 -0.55
CA PHE B 235 2.48 -25.78 0.92
C PHE B 235 3.27 -27.02 1.33
N GLU B 236 3.28 -28.06 0.46
CA GLU B 236 4.05 -29.29 0.67
C GLU B 236 5.54 -28.94 0.89
N HIS B 237 6.04 -28.00 0.07
CA HIS B 237 7.41 -27.51 0.13
C HIS B 237 7.58 -26.39 1.20
N ILE B 238 6.90 -25.24 1.03
CA ILE B 238 6.97 -24.06 1.88
C ILE B 238 6.64 -24.29 3.35
N VAL B 239 5.50 -24.94 3.64
CA VAL B 239 5.04 -25.07 5.01
C VAL B 239 5.39 -26.42 5.65
N TYR B 240 5.08 -27.53 4.98
CA TYR B 240 5.37 -28.85 5.54
C TYR B 240 6.86 -29.18 5.54
N GLY B 241 7.56 -28.72 4.53
CA GLY B 241 8.99 -29.01 4.40
C GLY B 241 9.28 -30.27 3.62
N ASP B 242 10.36 -30.27 2.87
CA ASP B 242 10.77 -31.42 2.09
C ASP B 242 12.09 -31.94 2.66
N PHE B 243 12.03 -33.11 3.26
CA PHE B 243 13.20 -33.72 3.89
C PHE B 243 13.79 -34.85 3.04
N SER B 244 13.49 -34.90 1.74
CA SER B 244 13.94 -35.99 0.89
C SER B 244 15.31 -35.79 0.27
N HIS B 245 15.77 -34.54 0.09
CA HIS B 245 17.09 -34.29 -0.51
C HIS B 245 18.08 -33.82 0.55
N SER B 246 19.39 -33.75 0.22
CA SER B 246 20.39 -33.29 1.18
C SER B 246 20.08 -31.87 1.65
N GLN B 247 19.61 -31.01 0.74
CA GLN B 247 19.17 -29.68 1.14
C GLN B 247 17.69 -29.74 1.51
N LEU B 248 17.38 -29.38 2.77
CA LEU B 248 16.02 -29.31 3.30
C LEU B 248 15.26 -28.27 2.49
N GLY B 249 14.12 -28.66 1.95
CA GLY B 249 13.31 -27.77 1.12
C GLY B 249 12.23 -27.06 1.90
N GLY B 250 12.07 -25.78 1.62
CA GLY B 250 11.06 -24.96 2.25
C GLY B 250 11.21 -24.87 3.75
N LEU B 251 10.09 -25.10 4.46
CA LEU B 251 10.00 -25.06 5.92
C LEU B 251 10.28 -23.62 6.42
N HIS B 252 9.44 -22.67 5.95
CA HIS B 252 9.62 -21.27 6.32
C HIS B 252 8.57 -20.72 7.28
N LEU B 253 7.58 -21.53 7.66
CA LEU B 253 6.54 -21.08 8.57
C LEU B 253 6.68 -21.86 9.85
N LEU B 254 6.73 -21.16 11.00
CA LEU B 254 6.91 -21.79 12.31
C LEU B 254 5.95 -22.96 12.58
N ILE B 255 4.67 -22.83 12.19
CA ILE B 255 3.70 -23.90 12.38
C ILE B 255 4.15 -25.23 11.74
N GLY B 256 4.82 -25.17 10.59
CA GLY B 256 5.33 -26.36 9.92
C GLY B 256 6.47 -27.00 10.68
N LEU B 257 7.32 -26.17 11.30
CA LEU B 257 8.40 -26.67 12.14
C LEU B 257 7.82 -27.32 13.41
N ALA B 258 6.75 -26.74 13.98
CA ALA B 258 6.10 -27.27 15.17
C ALA B 258 5.46 -28.63 14.89
N LYS B 259 4.87 -28.80 13.69
CA LYS B 259 4.27 -30.06 13.31
C LYS B 259 5.36 -31.14 13.17
N ARG B 260 6.47 -30.80 12.50
CA ARG B 260 7.60 -31.70 12.30
C ARG B 260 8.20 -32.11 13.65
N PHE B 261 8.33 -31.14 14.55
CA PHE B 261 8.89 -31.31 15.89
C PHE B 261 8.17 -32.39 16.73
N LYS B 262 6.84 -32.51 16.57
CA LYS B 262 6.06 -33.53 17.29
C LYS B 262 6.47 -34.93 16.81
N GLU B 263 6.69 -35.10 15.50
CA GLU B 263 7.09 -36.38 14.94
C GLU B 263 8.57 -36.68 15.23
N SER B 264 9.49 -35.79 14.85
CA SER B 264 10.91 -36.02 15.08
C SER B 264 11.68 -34.72 15.31
N PRO B 265 12.74 -34.78 16.13
CA PRO B 265 13.47 -33.56 16.46
C PRO B 265 14.42 -33.10 15.38
N PHE B 266 14.89 -31.87 15.51
CA PHE B 266 15.85 -31.29 14.59
C PHE B 266 16.63 -30.19 15.30
N GLU B 267 17.79 -29.84 14.78
CA GLU B 267 18.59 -28.78 15.37
C GLU B 267 18.32 -27.48 14.64
N LEU B 268 18.12 -26.39 15.38
CA LEU B 268 17.92 -25.07 14.82
C LEU B 268 19.05 -24.24 15.36
N GLU B 269 20.05 -23.94 14.53
CA GLU B 269 21.14 -23.08 14.98
C GLU B 269 20.75 -21.62 14.75
N ASP B 270 20.53 -20.90 15.83
CA ASP B 270 20.18 -19.50 15.81
C ASP B 270 21.49 -18.71 15.74
N PHE B 271 22.08 -18.60 14.53
CA PHE B 271 23.43 -18.00 14.38
C PHE B 271 23.48 -16.45 14.51
N ILE B 272 22.34 -15.75 14.54
CA ILE B 272 22.28 -14.30 14.83
C ILE B 272 21.22 -14.20 15.92
N PRO B 273 21.56 -14.52 17.17
CA PRO B 273 20.54 -14.57 18.22
C PRO B 273 20.06 -13.20 18.71
N MET B 274 18.99 -12.75 18.14
CA MET B 274 18.35 -11.49 18.46
C MET B 274 16.86 -11.61 18.10
N ASP B 275 16.05 -10.67 18.55
CA ASP B 275 14.65 -10.64 18.22
C ASP B 275 14.48 -10.01 16.83
N SER B 276 13.81 -10.71 15.92
CA SER B 276 13.52 -10.16 14.61
C SER B 276 12.27 -10.79 14.00
N THR B 277 11.58 -10.03 13.14
CA THR B 277 10.36 -10.49 12.49
C THR B 277 10.60 -11.77 11.72
N VAL B 278 11.69 -11.83 10.99
CA VAL B 278 12.09 -13.05 10.29
C VAL B 278 13.34 -13.57 10.98
N LYS B 279 13.38 -14.87 11.27
CA LYS B 279 14.55 -15.48 11.90
C LYS B 279 15.27 -16.39 10.91
N ASN B 280 16.61 -16.45 10.95
CA ASN B 280 17.36 -17.37 10.08
C ASN B 280 17.99 -18.46 10.93
N TYR B 281 17.80 -19.72 10.54
CA TYR B 281 18.38 -20.86 11.27
C TYR B 281 19.14 -21.77 10.37
N PHE B 282 20.20 -22.36 10.90
CA PHE B 282 20.94 -23.40 10.19
C PHE B 282 20.28 -24.64 10.73
N ILE B 283 19.40 -25.27 9.94
CA ILE B 283 18.63 -26.42 10.42
C ILE B 283 19.21 -27.78 9.97
N THR B 284 19.22 -28.77 10.87
CA THR B 284 19.66 -30.12 10.55
C THR B 284 18.54 -31.04 11.04
N ASP B 285 17.86 -31.74 10.14
CA ASP B 285 16.81 -32.68 10.51
C ASP B 285 17.46 -33.95 11.04
N ALA B 286 17.18 -34.32 12.30
CA ALA B 286 17.83 -35.48 12.91
C ALA B 286 17.44 -36.82 12.30
N GLN B 287 16.20 -36.96 11.84
CA GLN B 287 15.74 -38.23 11.27
C GLN B 287 16.35 -38.52 9.87
N THR B 288 16.35 -37.53 8.99
CA THR B 288 16.82 -37.72 7.62
C THR B 288 18.24 -37.26 7.32
N GLY B 289 18.72 -36.27 8.05
CA GLY B 289 20.00 -35.66 7.72
C GLY B 289 19.84 -34.56 6.67
N SER B 290 18.60 -34.22 6.29
CA SER B 290 18.33 -33.13 5.37
C SER B 290 18.67 -31.84 6.15
N SER B 291 19.40 -30.91 5.53
CA SER B 291 19.81 -29.68 6.23
C SER B 291 19.82 -28.43 5.33
N LYS B 292 19.84 -27.23 5.93
CA LYS B 292 19.86 -25.97 5.19
C LYS B 292 20.59 -24.90 6.03
N CYS B 293 21.63 -24.28 5.48
CA CYS B 293 22.44 -23.29 6.21
C CYS B 293 21.63 -22.08 6.64
N VAL B 294 20.81 -21.56 5.73
CA VAL B 294 19.98 -20.40 6.01
C VAL B 294 18.54 -20.70 5.71
N CYS B 295 17.81 -21.11 6.73
CA CYS B 295 16.40 -21.38 6.58
C CYS B 295 15.67 -20.23 7.25
N SER B 296 15.10 -19.33 6.46
CA SER B 296 14.35 -18.21 7.00
C SER B 296 13.01 -18.73 7.52
N VAL B 297 12.62 -18.29 8.71
CA VAL B 297 11.42 -18.77 9.37
C VAL B 297 10.68 -17.56 9.91
N ILE B 298 9.40 -17.52 9.63
CA ILE B 298 8.54 -16.49 10.16
C ILE B 298 7.36 -17.19 10.85
N ASP B 299 6.93 -16.64 11.99
CA ASP B 299 5.75 -17.14 12.65
C ASP B 299 4.56 -16.26 12.33
N LEU B 300 3.90 -16.54 11.23
CA LEU B 300 2.67 -15.85 10.88
C LEU B 300 1.54 -16.80 11.24
N LEU B 301 0.35 -16.25 11.57
CA LEU B 301 -0.88 -17.06 11.73
C LEU B 301 -1.12 -17.70 10.37
N LEU B 302 -1.30 -19.03 10.30
CA LEU B 302 -1.44 -19.71 9.01
C LEU B 302 -2.44 -19.05 8.05
N ASP B 303 -3.53 -18.50 8.60
CA ASP B 303 -4.57 -17.80 7.84
C ASP B 303 -4.02 -16.56 7.16
N ASP B 304 -3.14 -15.82 7.85
CA ASP B 304 -2.49 -14.63 7.31
C ASP B 304 -1.53 -15.04 6.21
N PHE B 305 -0.76 -16.13 6.40
CA PHE B 305 0.16 -16.60 5.37
C PHE B 305 -0.61 -17.05 4.12
N VAL B 306 -1.75 -17.74 4.31
CA VAL B 306 -2.62 -18.20 3.21
C VAL B 306 -3.19 -16.97 2.49
N GLU B 307 -3.64 -15.95 3.23
CA GLU B 307 -4.16 -14.72 2.63
C GLU B 307 -3.06 -14.03 1.80
N ILE B 308 -1.84 -13.93 2.34
CA ILE B 308 -0.73 -13.32 1.60
C ILE B 308 -0.43 -14.07 0.31
N ILE B 309 -0.23 -15.40 0.38
CA ILE B 309 0.15 -16.17 -0.79
C ILE B 309 -0.98 -16.24 -1.82
N LYS B 310 -2.24 -16.26 -1.38
CA LYS B 310 -3.37 -16.27 -2.32
C LYS B 310 -3.67 -14.89 -2.93
N SER B 311 -2.99 -13.83 -2.47
CA SER B 311 -3.16 -12.49 -3.01
C SER B 311 -2.05 -12.09 -3.98
N GLN B 312 -1.29 -13.06 -4.49
CA GLN B 312 -0.19 -12.78 -5.40
C GLN B 312 -0.48 -13.25 -6.82
N ASP B 313 0.12 -12.55 -7.77
CA ASP B 313 0.03 -12.88 -9.17
C ASP B 313 1.07 -13.99 -9.39
N LEU B 314 0.64 -15.12 -9.94
CA LEU B 314 1.53 -16.26 -10.13
C LEU B 314 2.03 -16.43 -11.57
N SER B 315 2.12 -15.33 -12.34
CA SER B 315 2.49 -15.44 -13.76
C SER B 315 3.97 -15.23 -14.10
N VAL B 316 4.84 -14.91 -13.12
CA VAL B 316 6.27 -14.70 -13.44
C VAL B 316 7.17 -15.72 -12.74
N VAL B 317 8.31 -16.09 -13.37
CA VAL B 317 9.26 -17.05 -12.78
C VAL B 317 9.70 -16.64 -11.37
N SER B 318 10.21 -15.42 -11.20
CA SER B 318 10.67 -14.96 -9.90
C SER B 318 10.42 -13.47 -9.70
N LYS B 319 10.05 -13.08 -8.49
CA LYS B 319 9.85 -11.69 -8.15
C LYS B 319 9.84 -11.44 -6.64
N VAL B 320 10.06 -10.19 -6.23
CA VAL B 320 10.03 -9.81 -4.84
C VAL B 320 8.60 -9.38 -4.49
N VAL B 321 8.05 -9.95 -3.43
CA VAL B 321 6.75 -9.64 -2.88
C VAL B 321 7.02 -8.96 -1.53
N LYS B 322 6.60 -7.71 -1.38
CA LYS B 322 6.79 -6.97 -0.15
C LYS B 322 5.53 -7.01 0.70
N VAL B 323 5.69 -7.33 1.99
CA VAL B 323 4.56 -7.45 2.92
C VAL B 323 4.91 -6.74 4.21
N THR B 324 4.06 -5.80 4.65
CA THR B 324 4.28 -5.13 5.91
C THR B 324 3.92 -6.11 7.01
N ILE B 325 4.89 -6.36 7.90
CA ILE B 325 4.76 -7.31 8.99
C ILE B 325 5.48 -6.69 10.15
N ASP B 326 4.81 -6.59 11.32
CA ASP B 326 5.36 -5.96 12.52
C ASP B 326 5.81 -4.53 12.23
N TYR B 327 5.07 -3.82 11.33
CA TYR B 327 5.33 -2.45 10.90
C TYR B 327 6.50 -2.29 9.94
N THR B 328 7.23 -3.37 9.62
CA THR B 328 8.38 -3.28 8.70
C THR B 328 8.06 -3.93 7.38
N GLU B 329 8.81 -3.56 6.34
CA GLU B 329 8.62 -4.14 5.04
C GLU B 329 9.43 -5.41 4.87
N ILE B 330 8.76 -6.58 4.81
CA ILE B 330 9.48 -7.84 4.64
C ILE B 330 9.43 -8.22 3.16
N SER B 331 10.58 -8.55 2.58
CA SER B 331 10.66 -9.01 1.22
C SER B 331 10.60 -10.52 1.20
N PHE B 332 9.75 -11.04 0.34
CA PHE B 332 9.62 -12.46 0.12
C PHE B 332 9.98 -12.69 -1.32
N MET B 333 10.55 -13.83 -1.58
CA MET B 333 10.88 -14.24 -2.91
C MET B 333 9.78 -15.20 -3.34
N LEU B 334 9.14 -14.95 -4.48
CA LEU B 334 8.07 -15.80 -4.97
C LEU B 334 8.50 -16.40 -6.30
N TRP B 335 8.56 -17.71 -6.36
CA TRP B 335 8.97 -18.46 -7.54
C TRP B 335 7.80 -19.24 -8.05
N CYS B 336 7.46 -19.04 -9.33
CA CYS B 336 6.32 -19.70 -9.94
C CYS B 336 6.71 -20.45 -11.22
N LYS B 337 5.85 -21.37 -11.66
CA LYS B 337 6.00 -22.12 -12.90
C LYS B 337 4.62 -22.57 -13.34
N ASP B 338 4.23 -22.22 -14.58
CA ASP B 338 2.94 -22.59 -15.19
C ASP B 338 1.71 -22.19 -14.37
N GLY B 339 1.79 -21.05 -13.70
CA GLY B 339 0.67 -20.56 -12.90
C GLY B 339 0.55 -21.15 -11.51
N HIS B 340 1.54 -21.95 -11.11
CA HIS B 340 1.55 -22.51 -9.76
C HIS B 340 2.80 -22.04 -9.01
N VAL B 341 2.71 -21.98 -7.69
CA VAL B 341 3.85 -21.60 -6.86
C VAL B 341 4.83 -22.77 -6.79
N GLU B 342 6.14 -22.48 -6.82
CA GLU B 342 7.20 -23.46 -6.61
C GLU B 342 7.71 -23.24 -5.17
N THR B 343 8.01 -21.98 -4.81
CA THR B 343 8.40 -21.61 -3.45
C THR B 343 8.08 -20.14 -3.16
N PHE B 344 7.96 -19.81 -1.89
CA PHE B 344 7.65 -18.47 -1.41
C PHE B 344 8.32 -18.39 -0.06
N TYR B 345 9.30 -17.50 0.10
CA TYR B 345 10.04 -17.44 1.36
C TYR B 345 10.51 -16.05 1.72
N PRO B 346 10.60 -15.73 3.03
CA PRO B 346 11.18 -14.44 3.43
C PRO B 346 12.63 -14.39 2.96
N LYS B 347 12.91 -13.43 2.06
CA LYS B 347 14.17 -13.16 1.35
C LYS B 347 15.34 -13.04 2.28
N LEU B 348 16.40 -13.81 1.99
CA LEU B 348 17.69 -13.83 2.72
C LEU B 348 18.58 -12.80 2.00
N GLN B 349 18.30 -11.51 2.21
CA GLN B 349 19.00 -10.43 1.52
C GLN B 349 20.22 -9.89 2.30
#